data_6JJP
#
_entry.id   6JJP
#
_cell.length_a   102.610
_cell.length_b   54.219
_cell.length_c   126.082
_cell.angle_alpha   90.000
_cell.angle_beta   113.920
_cell.angle_gamma   90.000
#
_symmetry.space_group_name_H-M   'P 1 2 1'
#
loop_
_entity.id
_entity.type
_entity.pdbx_description
1 polymer 'Heavy chain of MW11-h317'
2 polymer 'light chain of MW11-h317'
3 polymer 'Programmed cell death protein 1'
4 branched alpha-D-mannopyranose-(1-3)-beta-D-mannopyranose-(1-4)-2-acetamido-2-deoxy-beta-D-glucopyranose-(1-4)-[alpha-L-fucopyranose-(1-6)]2-acetamido-2-deoxy-beta-D-glucopyranose
5 non-polymer 2-acetamido-2-deoxy-beta-D-glucopyranose
6 water water
#
loop_
_entity_poly.entity_id
_entity_poly.type
_entity_poly.pdbx_seq_one_letter_code
_entity_poly.pdbx_strand_id
1 'polypeptide(L)'
;EVQLVESGGGLVKPGGSLRLSCAASGFTFSSYDMSWVRQAPGKGLEWVATISGGGSYTYYPDSVKGRFTISRDNAKNSLY
LQMNSLRAEDTAVYYCASPDSSGVAYWGQGTLVTVSSASTKGPSVFPLAPSSKSTSGGTAALGCLVKDYFPEPVTVSWNS
GALTSGVHTFPAVLQSSGLYSLSSVVTVPSSSLGTQTYICNVNHKPSNTKVDKKVEPKSC
;
A,D
2 'polypeptide(L)'
;DIVMTQSPLSLPVTPGEPASITCKASQDVETVVAWYLQKPGQSPRLLIYWASTRHTGVPDRFSGSGSGTDFTLKISRVEA
EDVGVYYCQQYSRYPWTFGQGTKLEIKRTVAAPSVFIFPPSDEQLKSGTASVVCLLNNFYPREAKVQWKVDNALQSGNSQ
ESVTEQDSKDSTYSLSSTLTLSKADYEKHKVYACEVTHQGLSSPVTKSFNRGEC
;
B,E
3 'polypeptide(L)'
;PGWFLDSPDRPWNPPTFSPALLVVTEGDNATFTCSFSNTSESFVLNWYRMSPSNQTDKLAAFPEDRSQPGQDCRFRVTQL
PNGRDFHMSVVRARRNDSGTYLCGAISLAPKAQIKESLRAELRVTERRAEVPTAHPSPSPRPAGQFQ
;
C,F
#
loop_
_chem_comp.id
_chem_comp.type
_chem_comp.name
_chem_comp.formula
BMA D-saccharide, beta linking beta-D-mannopyranose 'C6 H12 O6'
FUC L-saccharide, alpha linking alpha-L-fucopyranose 'C6 H12 O5'
MAN D-saccharide, alpha linking alpha-D-mannopyranose 'C6 H12 O6'
NAG D-saccharide, beta linking 2-acetamido-2-deoxy-beta-D-glucopyranose 'C8 H15 N O6'
#
# COMPACT_ATOMS: atom_id res chain seq x y z
N GLU A 1 13.19 -30.20 11.07
CA GLU A 1 12.77 -31.39 10.34
C GLU A 1 11.45 -31.15 9.61
N VAL A 2 10.75 -30.07 9.97
CA VAL A 2 9.50 -29.73 9.30
C VAL A 2 9.82 -29.28 7.88
N GLN A 3 9.17 -29.90 6.90
CA GLN A 3 9.42 -29.65 5.50
C GLN A 3 8.11 -29.43 4.76
N LEU A 4 8.02 -28.34 3.99
CA LEU A 4 6.83 -27.99 3.22
C LEU A 4 7.26 -27.68 1.79
N VAL A 5 6.67 -28.38 0.83
CA VAL A 5 7.03 -28.23 -0.58
C VAL A 5 5.76 -27.95 -1.39
N GLU A 6 5.75 -26.81 -2.09
CA GLU A 6 4.60 -26.43 -2.92
C GLU A 6 4.71 -27.03 -4.32
N SER A 7 3.57 -27.09 -5.00
CA SER A 7 3.51 -27.58 -6.37
C SER A 7 2.26 -27.03 -7.03
N GLY A 8 2.29 -26.96 -8.36
CA GLY A 8 1.13 -26.59 -9.14
C GLY A 8 1.10 -25.14 -9.62
N GLY A 9 2.13 -24.36 -9.36
CA GLY A 9 2.18 -23.00 -9.86
C GLY A 9 2.36 -22.98 -11.37
N GLY A 10 2.43 -21.75 -11.89
CA GLY A 10 2.66 -21.56 -13.31
C GLY A 10 1.86 -20.39 -13.82
N LEU A 11 1.75 -20.31 -15.15
CA LEU A 11 1.06 -19.23 -15.83
C LEU A 11 -0.37 -19.64 -16.15
N VAL A 12 -1.29 -18.69 -16.02
CA VAL A 12 -2.70 -18.92 -16.35
C VAL A 12 -3.31 -17.60 -16.80
N LYS A 13 -4.25 -17.69 -17.74
CA LYS A 13 -4.90 -16.51 -18.29
C LYS A 13 -5.96 -15.97 -17.30
N PRO A 14 -6.23 -14.67 -17.34
CA PRO A 14 -7.21 -14.10 -16.41
C PRO A 14 -8.55 -14.80 -16.51
N GLY A 15 -9.17 -15.03 -15.36
CA GLY A 15 -10.39 -15.79 -15.26
C GLY A 15 -10.20 -17.28 -15.10
N GLY A 16 -9.02 -17.80 -15.43
CA GLY A 16 -8.75 -19.21 -15.33
C GLY A 16 -8.61 -19.68 -13.88
N SER A 17 -8.50 -20.99 -13.73
CA SER A 17 -8.33 -21.64 -12.44
C SER A 17 -6.93 -22.22 -12.33
N LEU A 18 -6.56 -22.55 -11.09
CA LEU A 18 -5.29 -23.17 -10.78
C LEU A 18 -5.38 -23.76 -9.38
N ARG A 19 -4.79 -24.95 -9.20
CA ARG A 19 -4.80 -25.61 -7.90
C ARG A 19 -3.37 -25.81 -7.43
N LEU A 20 -3.08 -25.35 -6.22
CA LEU A 20 -1.78 -25.46 -5.59
C LEU A 20 -1.76 -26.60 -4.59
N SER A 21 -0.66 -27.32 -4.53
CA SER A 21 -0.48 -28.41 -3.58
C SER A 21 0.65 -28.07 -2.62
N CYS A 22 0.61 -28.65 -1.43
CA CYS A 22 1.65 -28.47 -0.43
C CYS A 22 1.81 -29.79 0.32
N ALA A 23 2.90 -30.50 0.05
CA ALA A 23 3.22 -31.74 0.74
C ALA A 23 4.01 -31.42 2.00
N ALA A 24 3.65 -32.07 3.10
CA ALA A 24 4.22 -31.79 4.40
C ALA A 24 4.84 -33.03 5.01
N SER A 25 5.87 -32.81 5.82
CA SER A 25 6.50 -33.89 6.57
C SER A 25 7.17 -33.30 7.80
N GLY A 26 7.53 -34.17 8.74
CA GLY A 26 8.23 -33.75 9.94
C GLY A 26 7.37 -33.50 11.16
N PHE A 27 6.05 -33.68 11.06
CA PHE A 27 5.16 -33.44 12.19
C PHE A 27 3.85 -34.16 11.95
N THR A 28 3.07 -34.30 13.02
CA THR A 28 1.74 -34.88 12.91
C THR A 28 0.81 -33.90 12.20
N PHE A 29 0.69 -34.07 10.89
CA PHE A 29 0.03 -33.06 10.04
C PHE A 29 -1.37 -32.70 10.53
N SER A 30 -2.15 -33.68 10.97
CA SER A 30 -3.56 -33.45 11.28
C SER A 30 -3.80 -32.67 12.56
N SER A 31 -2.77 -32.32 13.33
CA SER A 31 -2.97 -31.61 14.59
C SER A 31 -2.63 -30.13 14.50
N TYR A 32 -2.18 -29.64 13.36
CA TYR A 32 -1.71 -28.27 13.23
C TYR A 32 -2.48 -27.54 12.14
N ASP A 33 -2.55 -26.22 12.28
CA ASP A 33 -3.14 -25.39 11.24
C ASP A 33 -2.25 -25.37 10.01
N MET A 34 -2.87 -25.17 8.85
CA MET A 34 -2.15 -24.97 7.61
C MET A 34 -2.67 -23.72 6.91
N SER A 35 -1.78 -23.02 6.24
CA SER A 35 -2.08 -21.70 5.71
C SER A 35 -1.42 -21.49 4.36
N TRP A 36 -1.91 -20.47 3.65
CA TRP A 36 -1.30 -19.95 2.44
C TRP A 36 -1.03 -18.47 2.64
N VAL A 37 0.20 -18.05 2.34
CA VAL A 37 0.58 -16.64 2.37
C VAL A 37 1.25 -16.33 1.04
N ARG A 38 0.79 -15.26 0.39
CA ARG A 38 1.34 -14.88 -0.90
C ARG A 38 2.14 -13.59 -0.77
N GLN A 39 2.91 -13.31 -1.82
CA GLN A 39 3.74 -12.10 -1.87
C GLN A 39 3.89 -11.72 -3.33
N ALA A 40 3.34 -10.57 -3.71
CA ALA A 40 3.53 -10.07 -5.06
C ALA A 40 5.00 -9.73 -5.26
N PRO A 41 5.53 -9.88 -6.48
CA PRO A 41 6.95 -9.59 -6.71
C PRO A 41 7.32 -8.17 -6.32
N GLY A 42 8.28 -8.06 -5.42
CA GLY A 42 8.74 -6.78 -4.90
C GLY A 42 7.84 -6.11 -3.89
N LYS A 43 6.83 -6.80 -3.39
CA LYS A 43 5.89 -6.23 -2.43
C LYS A 43 5.93 -7.05 -1.13
N GLY A 44 4.94 -6.81 -0.27
CA GLY A 44 4.91 -7.40 1.05
C GLY A 44 4.13 -8.70 1.11
N LEU A 45 3.95 -9.18 2.33
CA LEU A 45 3.28 -10.44 2.59
C LEU A 45 1.78 -10.22 2.83
N GLU A 46 0.96 -11.13 2.33
CA GLU A 46 -0.48 -11.03 2.46
C GLU A 46 -1.06 -12.41 2.77
N TRP A 47 -1.74 -12.51 3.91
CA TRP A 47 -2.34 -13.78 4.31
C TRP A 47 -3.51 -14.12 3.39
N VAL A 48 -3.54 -15.38 2.92
CA VAL A 48 -4.48 -15.81 1.90
C VAL A 48 -5.56 -16.72 2.48
N ALA A 49 -5.18 -17.67 3.33
CA ALA A 49 -6.14 -18.61 3.89
C ALA A 49 -5.50 -19.37 5.03
N THR A 50 -6.36 -19.94 5.89
CA THR A 50 -5.94 -20.81 6.97
C THR A 50 -6.98 -21.92 7.10
N ILE A 51 -6.53 -23.11 7.47
CA ILE A 51 -7.43 -24.23 7.72
C ILE A 51 -7.00 -24.91 9.01
N SER A 52 -7.98 -25.31 9.81
CA SER A 52 -7.67 -25.97 11.07
C SER A 52 -7.20 -27.40 10.83
N GLY A 53 -6.61 -27.99 11.86
CA GLY A 53 -6.10 -29.35 11.73
C GLY A 53 -7.19 -30.33 11.36
N GLY A 54 -8.29 -30.33 12.12
CA GLY A 54 -9.41 -31.18 11.79
C GLY A 54 -10.04 -30.86 10.46
N GLY A 55 -9.85 -29.64 9.97
CA GLY A 55 -10.36 -29.24 8.67
C GLY A 55 -11.75 -28.67 8.66
N SER A 56 -12.34 -28.43 9.83
CA SER A 56 -13.71 -27.92 9.90
C SER A 56 -13.79 -26.41 10.02
N TYR A 57 -12.67 -25.73 10.21
CA TYR A 57 -12.61 -24.28 10.23
C TYR A 57 -11.68 -23.79 9.13
N THR A 58 -12.19 -22.90 8.28
CA THR A 58 -11.40 -22.25 7.26
C THR A 58 -11.59 -20.74 7.37
N TYR A 59 -10.54 -19.99 7.09
CA TYR A 59 -10.53 -18.54 7.24
C TYR A 59 -9.93 -17.91 5.99
N TYR A 60 -10.59 -16.87 5.48
CA TYR A 60 -10.18 -16.15 4.28
C TYR A 60 -10.29 -14.66 4.52
N PRO A 61 -9.46 -13.85 3.87
CA PRO A 61 -9.69 -12.40 3.84
C PRO A 61 -10.66 -12.04 2.73
N ASP A 62 -11.11 -10.78 2.78
CA ASP A 62 -12.12 -10.33 1.82
C ASP A 62 -11.59 -10.27 0.40
N SER A 63 -10.27 -10.13 0.22
CA SER A 63 -9.71 -9.98 -1.11
C SER A 63 -9.78 -11.27 -1.93
N VAL A 64 -9.89 -12.44 -1.30
CA VAL A 64 -9.89 -13.70 -2.02
C VAL A 64 -11.13 -14.51 -1.65
N LYS A 65 -11.90 -14.02 -0.68
CA LYS A 65 -13.09 -14.75 -0.24
C LYS A 65 -14.08 -14.88 -1.39
N GLY A 66 -14.60 -16.10 -1.58
CA GLY A 66 -15.47 -16.40 -2.69
C GLY A 66 -14.78 -16.91 -3.93
N ARG A 67 -13.48 -16.67 -4.07
CA ARG A 67 -12.69 -17.20 -5.19
C ARG A 67 -11.81 -18.37 -4.79
N PHE A 68 -11.08 -18.24 -3.68
CA PHE A 68 -10.12 -19.25 -3.24
C PHE A 68 -10.75 -20.17 -2.19
N THR A 69 -10.38 -21.44 -2.24
CA THR A 69 -10.87 -22.44 -1.31
C THR A 69 -9.69 -23.23 -0.78
N ILE A 70 -9.47 -23.16 0.53
CA ILE A 70 -8.40 -23.92 1.19
C ILE A 70 -8.98 -25.22 1.67
N SER A 71 -8.26 -26.32 1.43
CA SER A 71 -8.72 -27.65 1.82
C SER A 71 -7.49 -28.49 2.15
N ARG A 72 -7.75 -29.62 2.80
CA ARG A 72 -6.64 -30.48 3.22
C ARG A 72 -7.06 -31.93 3.16
N ASP A 73 -6.05 -32.80 3.12
CA ASP A 73 -6.23 -34.25 3.14
C ASP A 73 -5.33 -34.79 4.25
N ASN A 74 -5.91 -35.06 5.42
CA ASN A 74 -5.09 -35.46 6.56
C ASN A 74 -4.53 -36.87 6.39
N ALA A 75 -5.19 -37.71 5.60
CA ALA A 75 -4.66 -39.05 5.34
C ALA A 75 -3.46 -39.02 4.40
N LYS A 76 -3.29 -37.94 3.62
CA LYS A 76 -2.23 -37.84 2.65
C LYS A 76 -1.20 -36.77 3.00
N ASN A 77 -1.28 -36.18 4.18
CA ASN A 77 -0.33 -35.18 4.67
C ASN A 77 -0.11 -34.07 3.64
N SER A 78 -1.21 -33.55 3.08
CA SER A 78 -1.10 -32.55 2.03
C SER A 78 -2.19 -31.50 2.17
N LEU A 79 -1.86 -30.30 1.69
CA LEU A 79 -2.73 -29.14 1.72
C LEU A 79 -2.96 -28.65 0.30
N TYR A 80 -4.13 -28.05 0.06
CA TYR A 80 -4.51 -27.61 -1.27
C TYR A 80 -5.09 -26.20 -1.21
N LEU A 81 -4.93 -25.47 -2.31
CA LEU A 81 -5.58 -24.17 -2.50
C LEU A 81 -6.15 -24.15 -3.90
N GLN A 82 -7.47 -24.11 -4.00
CA GLN A 82 -8.14 -24.01 -5.29
C GLN A 82 -8.37 -22.54 -5.59
N MET A 83 -7.78 -22.05 -6.67
CA MET A 83 -7.85 -20.64 -7.03
C MET A 83 -8.66 -20.50 -8.31
N ASN A 84 -9.88 -20.01 -8.19
CA ASN A 84 -10.75 -19.76 -9.32
C ASN A 84 -10.86 -18.27 -9.58
N SER A 85 -11.23 -17.93 -10.81
CA SER A 85 -11.50 -16.56 -11.21
C SER A 85 -10.32 -15.65 -10.90
N LEU A 86 -9.17 -16.02 -11.44
CA LEU A 86 -7.93 -15.32 -11.13
C LEU A 86 -7.84 -13.99 -11.85
N ARG A 87 -7.39 -12.98 -11.14
CA ARG A 87 -7.19 -11.64 -11.66
C ARG A 87 -5.69 -11.34 -11.71
N ALA A 88 -5.35 -10.19 -12.30
CA ALA A 88 -3.94 -9.84 -12.44
C ALA A 88 -3.30 -9.53 -11.09
N GLU A 89 -4.06 -8.98 -10.14
CA GLU A 89 -3.52 -8.71 -8.82
C GLU A 89 -3.34 -9.97 -7.98
N ASP A 90 -3.68 -11.14 -8.52
CA ASP A 90 -3.38 -12.41 -7.85
C ASP A 90 -2.01 -12.95 -8.21
N THR A 91 -1.31 -12.31 -9.16
CA THR A 91 0.03 -12.73 -9.55
C THR A 91 0.99 -12.54 -8.39
N ALA A 92 1.54 -13.64 -7.86
CA ALA A 92 2.38 -13.59 -6.68
C ALA A 92 3.02 -14.95 -6.46
N VAL A 93 4.03 -14.97 -5.58
CA VAL A 93 4.58 -16.22 -5.07
C VAL A 93 3.73 -16.69 -3.90
N TYR A 94 3.26 -17.94 -3.97
CA TYR A 94 2.39 -18.51 -2.96
C TYR A 94 3.18 -19.44 -2.06
N TYR A 95 3.34 -19.06 -0.80
CA TYR A 95 3.99 -19.89 0.22
C TYR A 95 2.91 -20.64 1.00
N CYS A 96 3.03 -21.96 1.08
CA CYS A 96 2.25 -22.66 2.08
C CYS A 96 2.98 -22.61 3.40
N ALA A 97 2.22 -22.61 4.49
CA ALA A 97 2.78 -22.35 5.80
C ALA A 97 1.97 -23.11 6.84
N SER A 98 2.49 -23.14 8.07
CA SER A 98 1.85 -23.83 9.18
C SER A 98 2.02 -22.95 10.42
N PRO A 99 0.99 -22.21 10.81
CA PRO A 99 1.09 -21.34 11.98
C PRO A 99 0.71 -22.05 13.26
N ASP A 100 1.34 -21.61 14.35
CA ASP A 100 1.04 -22.08 15.69
C ASP A 100 1.12 -20.87 16.63
N SER A 101 1.14 -21.15 17.94
CA SER A 101 1.23 -20.08 18.93
C SER A 101 2.42 -19.15 18.69
N SER A 102 3.48 -19.63 18.03
CA SER A 102 4.64 -18.79 17.73
C SER A 102 4.48 -18.03 16.42
N GLY A 103 3.28 -17.96 15.85
CA GLY A 103 3.08 -17.25 14.61
C GLY A 103 3.25 -18.15 13.42
N VAL A 104 3.63 -17.60 12.27
CA VAL A 104 3.86 -18.38 11.06
C VAL A 104 5.30 -18.88 11.14
N ALA A 105 5.49 -20.01 11.83
CA ALA A 105 6.81 -20.49 12.15
C ALA A 105 7.45 -21.29 11.02
N TYR A 106 6.67 -21.85 10.10
CA TYR A 106 7.17 -22.73 9.06
C TYR A 106 6.66 -22.28 7.71
N TRP A 107 7.58 -22.04 6.78
CA TRP A 107 7.25 -21.62 5.43
C TRP A 107 7.78 -22.62 4.43
N GLY A 108 7.02 -22.82 3.34
CA GLY A 108 7.54 -23.56 2.21
C GLY A 108 8.39 -22.66 1.34
N GLN A 109 8.88 -23.23 0.23
CA GLN A 109 9.74 -22.44 -0.65
C GLN A 109 8.95 -21.43 -1.48
N GLY A 110 7.67 -21.68 -1.71
CA GLY A 110 6.85 -20.77 -2.48
C GLY A 110 6.89 -21.08 -3.95
N THR A 111 5.72 -21.09 -4.60
CA THR A 111 5.63 -21.31 -6.03
C THR A 111 5.00 -20.08 -6.68
N LEU A 112 5.47 -19.74 -7.87
CA LEU A 112 5.04 -18.52 -8.54
C LEU A 112 3.79 -18.80 -9.35
N VAL A 113 2.78 -17.93 -9.18
CA VAL A 113 1.56 -17.97 -9.98
C VAL A 113 1.48 -16.66 -10.74
N THR A 114 1.43 -16.75 -12.07
CA THR A 114 1.39 -15.58 -12.93
C THR A 114 0.06 -15.55 -13.67
N VAL A 115 -0.61 -14.41 -13.63
CA VAL A 115 -1.89 -14.21 -14.30
C VAL A 115 -1.70 -13.12 -15.34
N SER A 116 -1.75 -13.48 -16.61
CA SER A 116 -1.56 -12.52 -17.68
C SER A 116 -2.09 -13.09 -18.98
N SER A 117 -2.37 -12.18 -19.91
CA SER A 117 -2.83 -12.56 -21.24
C SER A 117 -1.68 -12.97 -22.15
N ALA A 118 -0.44 -12.57 -21.81
CA ALA A 118 0.70 -12.84 -22.67
C ALA A 118 0.90 -14.34 -22.86
N SER A 119 1.68 -14.68 -23.87
CA SER A 119 1.93 -16.06 -24.25
C SER A 119 3.36 -16.42 -23.90
N THR A 120 3.56 -17.70 -23.57
CA THR A 120 4.90 -18.17 -23.21
C THR A 120 5.85 -18.00 -24.39
N LYS A 121 6.91 -17.23 -24.17
CA LYS A 121 7.87 -16.91 -25.23
C LYS A 121 9.28 -16.99 -24.69
N GLY A 122 10.12 -17.78 -25.35
CA GLY A 122 11.51 -17.85 -24.99
C GLY A 122 12.21 -16.54 -25.26
N PRO A 123 13.29 -16.27 -24.53
CA PRO A 123 13.98 -14.99 -24.69
C PRO A 123 14.88 -14.97 -25.90
N SER A 124 15.14 -13.76 -26.38
CA SER A 124 16.18 -13.50 -27.36
C SER A 124 17.37 -12.91 -26.62
N VAL A 125 18.54 -13.51 -26.81
CA VAL A 125 19.75 -13.16 -26.06
C VAL A 125 20.69 -12.40 -26.98
N PHE A 126 20.95 -11.13 -26.65
CA PHE A 126 21.86 -10.32 -27.44
C PHE A 126 23.08 -9.91 -26.63
N PRO A 127 24.26 -9.82 -27.26
CA PRO A 127 25.48 -9.55 -26.49
C PRO A 127 25.72 -8.07 -26.26
N LEU A 128 26.09 -7.71 -25.02
CA LEU A 128 26.56 -6.36 -24.69
C LEU A 128 28.08 -6.42 -24.71
N ALA A 129 28.65 -6.18 -25.89
CA ALA A 129 30.06 -6.44 -26.10
C ALA A 129 30.92 -5.37 -25.42
N PRO A 130 32.06 -5.76 -24.84
CA PRO A 130 32.96 -4.76 -24.27
C PRO A 130 33.72 -4.02 -25.35
N SER A 131 33.99 -2.74 -25.08
CA SER A 131 34.59 -1.85 -26.05
C SER A 131 35.29 -0.72 -25.31
N SER A 132 35.83 0.23 -26.07
CA SER A 132 36.45 1.38 -25.44
C SER A 132 35.43 2.22 -24.69
N LYS A 133 34.17 2.17 -25.11
CA LYS A 133 33.09 2.87 -24.42
C LYS A 133 32.59 2.13 -23.19
N SER A 134 33.05 0.90 -22.95
CA SER A 134 32.71 0.14 -21.75
C SER A 134 33.96 -0.24 -20.96
N THR A 135 34.99 0.61 -20.99
CA THR A 135 36.22 0.38 -20.25
C THR A 135 36.47 1.58 -19.34
N SER A 136 37.00 1.31 -18.14
CA SER A 136 37.19 2.37 -17.14
C SER A 136 38.17 1.86 -16.10
N GLY A 137 39.45 2.21 -16.26
CA GLY A 137 40.44 1.94 -15.25
C GLY A 137 41.08 0.56 -15.30
N GLY A 138 41.21 -0.01 -16.48
CA GLY A 138 41.73 -1.36 -16.61
C GLY A 138 40.67 -2.43 -16.51
N THR A 139 39.44 -2.07 -16.18
CA THR A 139 38.31 -2.98 -16.08
C THR A 139 37.37 -2.75 -17.25
N ALA A 140 37.00 -3.82 -17.94
CA ALA A 140 36.04 -3.76 -19.02
C ALA A 140 34.76 -4.46 -18.59
N ALA A 141 33.62 -3.91 -19.00
CA ALA A 141 32.32 -4.47 -18.67
C ALA A 141 31.72 -5.10 -19.91
N LEU A 142 31.22 -6.32 -19.76
CA LEU A 142 30.50 -7.02 -20.81
C LEU A 142 29.24 -7.61 -20.19
N GLY A 143 28.30 -8.02 -21.03
CA GLY A 143 27.06 -8.53 -20.49
C GLY A 143 26.14 -9.10 -21.54
N CYS A 144 24.91 -9.35 -21.12
CA CYS A 144 23.90 -10.01 -21.92
C CYS A 144 22.57 -9.28 -21.84
N LEU A 145 21.91 -9.13 -22.98
CA LEU A 145 20.56 -8.57 -23.03
C LEU A 145 19.59 -9.72 -23.28
N VAL A 146 18.88 -10.12 -22.23
CA VAL A 146 17.87 -11.16 -22.29
C VAL A 146 16.53 -10.47 -22.47
N LYS A 147 16.05 -10.41 -23.71
CA LYS A 147 14.91 -9.55 -24.04
C LYS A 147 13.69 -10.35 -24.44
N ASP A 148 12.52 -9.89 -24.00
CA ASP A 148 11.21 -10.34 -24.47
C ASP A 148 10.99 -11.83 -24.18
N TYR A 149 10.90 -12.14 -22.89
CA TYR A 149 10.57 -13.48 -22.44
C TYR A 149 9.37 -13.41 -21.50
N PHE A 150 8.70 -14.57 -21.34
CA PHE A 150 7.53 -14.66 -20.49
C PHE A 150 7.18 -16.12 -20.22
N PRO A 151 6.81 -16.47 -18.99
CA PRO A 151 6.84 -15.58 -17.84
C PRO A 151 8.14 -15.71 -17.06
N GLU A 152 8.19 -15.15 -15.85
CA GLU A 152 9.31 -15.42 -14.98
C GLU A 152 9.31 -16.90 -14.57
N PRO A 153 10.46 -17.45 -14.18
CA PRO A 153 11.76 -16.80 -14.11
C PRO A 153 12.78 -17.27 -15.15
N VAL A 154 13.83 -16.48 -15.34
CA VAL A 154 15.02 -16.91 -16.07
C VAL A 154 16.16 -17.01 -15.08
N THR A 155 17.14 -17.84 -15.43
CA THR A 155 18.38 -17.96 -14.67
C THR A 155 19.55 -17.71 -15.63
N VAL A 156 20.47 -16.85 -15.23
CA VAL A 156 21.60 -16.46 -16.05
C VAL A 156 22.88 -16.80 -15.30
N SER A 157 23.73 -17.60 -15.91
CA SER A 157 25.06 -17.86 -15.39
C SER A 157 26.09 -17.52 -16.44
N TRP A 158 27.36 -17.47 -16.03
CA TRP A 158 28.45 -17.11 -16.92
C TRP A 158 29.51 -18.20 -16.90
N ASN A 159 29.96 -18.60 -18.09
CA ASN A 159 30.94 -19.67 -18.25
C ASN A 159 30.54 -20.92 -17.45
N SER A 160 29.26 -21.27 -17.55
CA SER A 160 28.71 -22.46 -16.91
C SER A 160 28.94 -22.45 -15.40
N GLY A 161 28.77 -21.29 -14.78
CA GLY A 161 28.93 -21.15 -13.35
C GLY A 161 30.34 -20.90 -12.89
N ALA A 162 31.32 -20.95 -13.79
CA ALA A 162 32.71 -20.69 -13.41
C ALA A 162 32.88 -19.25 -12.94
N LEU A 163 32.36 -18.31 -13.73
CA LEU A 163 32.43 -16.89 -13.39
C LEU A 163 31.23 -16.52 -12.53
N THR A 164 31.50 -16.06 -11.31
CA THR A 164 30.45 -15.62 -10.39
C THR A 164 30.84 -14.28 -9.78
N SER A 165 32.14 -14.03 -9.68
CA SER A 165 32.62 -12.80 -9.05
C SER A 165 32.37 -11.60 -9.95
N GLY A 166 31.73 -10.58 -9.40
CA GLY A 166 31.47 -9.36 -10.14
C GLY A 166 30.30 -9.43 -11.09
N VAL A 167 29.42 -10.40 -10.94
CA VAL A 167 28.26 -10.56 -11.80
C VAL A 167 27.08 -9.79 -11.19
N HIS A 168 26.34 -9.10 -12.04
CA HIS A 168 25.13 -8.38 -11.64
C HIS A 168 24.02 -8.71 -12.65
N THR A 169 23.09 -9.57 -12.25
CA THR A 169 21.90 -9.85 -13.05
C THR A 169 20.76 -9.01 -12.48
N PHE A 170 20.33 -8.01 -13.25
CA PHE A 170 19.38 -7.04 -12.76
C PHE A 170 18.00 -7.66 -12.61
N PRO A 171 17.13 -7.03 -11.81
CA PRO A 171 15.72 -7.45 -11.81
C PRO A 171 15.06 -7.15 -13.15
N ALA A 172 14.30 -8.12 -13.65
CA ALA A 172 13.63 -7.96 -14.93
C ALA A 172 12.47 -6.97 -14.83
N VAL A 173 12.36 -6.09 -15.81
CA VAL A 173 11.27 -5.14 -15.89
C VAL A 173 10.28 -5.58 -16.96
N LEU A 174 9.01 -5.22 -16.76
CA LEU A 174 7.93 -5.63 -17.64
C LEU A 174 7.76 -4.61 -18.77
N GLN A 175 7.98 -5.05 -20.01
CA GLN A 175 7.92 -4.21 -21.18
C GLN A 175 6.48 -3.89 -21.55
N SER A 176 6.31 -2.90 -22.43
CA SER A 176 4.98 -2.55 -22.93
C SER A 176 4.33 -3.69 -23.71
N SER A 177 5.14 -4.60 -24.27
CA SER A 177 4.62 -5.78 -24.96
C SER A 177 4.04 -6.80 -23.99
N GLY A 178 4.14 -6.59 -22.68
CA GLY A 178 3.72 -7.58 -21.73
C GLY A 178 4.74 -8.68 -21.48
N LEU A 179 5.97 -8.49 -21.96
CA LEU A 179 7.05 -9.45 -21.81
C LEU A 179 8.16 -8.87 -20.95
N TYR A 180 8.95 -9.74 -20.34
CA TYR A 180 10.04 -9.33 -19.47
C TYR A 180 11.32 -9.13 -20.27
N SER A 181 12.12 -8.15 -19.86
CA SER A 181 13.41 -7.91 -20.47
C SER A 181 14.45 -7.73 -19.37
N LEU A 182 15.69 -8.08 -19.68
CA LEU A 182 16.68 -8.29 -18.63
C LEU A 182 18.09 -8.03 -19.15
N SER A 183 18.96 -7.55 -18.25
CA SER A 183 20.38 -7.41 -18.54
C SER A 183 21.20 -8.06 -17.44
N SER A 184 22.25 -8.78 -17.84
CA SER A 184 23.18 -9.41 -16.93
C SER A 184 24.58 -8.99 -17.34
N VAL A 185 25.27 -8.25 -16.47
CA VAL A 185 26.57 -7.68 -16.79
C VAL A 185 27.62 -8.22 -15.84
N VAL A 186 28.88 -8.13 -16.27
CA VAL A 186 30.02 -8.55 -15.46
C VAL A 186 31.22 -7.69 -15.84
N THR A 187 32.04 -7.35 -14.85
CA THR A 187 33.25 -6.57 -15.05
C THR A 187 34.47 -7.46 -14.89
N VAL A 188 35.37 -7.40 -15.86
CA VAL A 188 36.56 -8.24 -15.87
C VAL A 188 37.76 -7.35 -16.21
N PRO A 189 38.98 -7.82 -15.94
CA PRO A 189 40.17 -7.08 -16.38
C PRO A 189 40.18 -6.94 -17.90
N SER A 190 40.64 -5.77 -18.37
CA SER A 190 40.70 -5.54 -19.80
C SER A 190 41.59 -6.56 -20.50
N SER A 191 42.66 -6.99 -19.84
CA SER A 191 43.56 -7.99 -20.40
C SER A 191 42.96 -9.38 -20.46
N SER A 192 41.71 -9.54 -20.01
CA SER A 192 40.99 -10.80 -20.15
C SER A 192 40.31 -10.96 -21.49
N LEU A 193 39.97 -9.86 -22.17
CA LEU A 193 39.05 -9.94 -23.30
C LEU A 193 39.61 -10.75 -24.46
N GLY A 194 40.93 -10.82 -24.59
CA GLY A 194 41.49 -11.55 -25.71
C GLY A 194 41.70 -13.03 -25.47
N THR A 195 41.96 -13.40 -24.21
CA THR A 195 42.33 -14.77 -23.87
C THR A 195 41.24 -15.56 -23.19
N GLN A 196 40.34 -14.91 -22.45
CA GLN A 196 39.26 -15.59 -21.76
C GLN A 196 37.98 -15.45 -22.56
N THR A 197 37.34 -16.58 -22.85
CA THR A 197 36.07 -16.58 -23.56
C THR A 197 34.94 -16.43 -22.55
N TYR A 198 34.03 -15.50 -22.83
CA TYR A 198 32.90 -15.21 -21.95
C TYR A 198 31.62 -15.64 -22.63
N ILE A 199 30.94 -16.63 -22.05
CA ILE A 199 29.78 -17.26 -22.64
C ILE A 199 28.59 -17.07 -21.70
N CYS A 200 27.47 -16.66 -22.27
CA CYS A 200 26.25 -16.31 -21.57
C CYS A 200 25.29 -17.49 -21.56
N ASN A 201 24.85 -17.91 -20.37
CA ASN A 201 23.98 -19.08 -20.22
C ASN A 201 22.62 -18.63 -19.68
N VAL A 202 21.61 -18.62 -20.57
CA VAL A 202 20.26 -18.19 -20.23
C VAL A 202 19.34 -19.41 -20.27
N ASN A 203 18.68 -19.68 -19.14
CA ASN A 203 17.73 -20.78 -19.03
C ASN A 203 16.35 -20.22 -18.72
N HIS A 204 15.35 -20.65 -19.50
CA HIS A 204 13.95 -20.23 -19.32
C HIS A 204 13.09 -21.48 -19.40
N LYS A 205 12.94 -22.18 -18.27
CA LYS A 205 12.18 -23.42 -18.29
C LYS A 205 10.72 -23.26 -18.72
N PRO A 206 10.01 -22.17 -18.41
CA PRO A 206 8.62 -22.05 -18.90
C PRO A 206 8.45 -22.30 -20.40
N SER A 207 9.42 -21.92 -21.22
CA SER A 207 9.39 -22.24 -22.65
C SER A 207 10.43 -23.28 -23.04
N ASN A 208 11.09 -23.90 -22.07
CA ASN A 208 12.15 -24.87 -22.31
C ASN A 208 13.17 -24.34 -23.32
N THR A 209 13.71 -23.17 -22.98
CA THR A 209 14.68 -22.46 -23.81
C THR A 209 16.03 -22.47 -23.14
N LYS A 210 17.06 -22.90 -23.85
CA LYS A 210 18.44 -22.81 -23.40
C LYS A 210 19.24 -22.12 -24.49
N VAL A 211 19.85 -20.99 -24.14
CA VAL A 211 20.61 -20.19 -25.09
C VAL A 211 21.99 -19.93 -24.51
N ASP A 212 23.02 -20.23 -25.30
CA ASP A 212 24.41 -19.88 -24.97
C ASP A 212 24.90 -18.83 -25.96
N LYS A 213 25.44 -17.73 -25.46
CA LYS A 213 25.86 -16.61 -26.30
C LYS A 213 27.28 -16.22 -25.92
N LYS A 214 28.21 -16.41 -26.85
CA LYS A 214 29.59 -15.97 -26.66
C LYS A 214 29.67 -14.46 -26.89
N VAL A 215 30.10 -13.73 -25.87
CA VAL A 215 30.29 -12.28 -25.99
C VAL A 215 31.73 -12.01 -26.42
N GLU A 216 31.88 -11.38 -27.58
CA GLU A 216 33.22 -11.08 -28.06
C GLU A 216 33.44 -9.57 -28.13
N PRO A 217 34.61 -9.09 -27.76
CA PRO A 217 34.80 -7.64 -27.65
C PRO A 217 34.84 -6.95 -29.01
N LYS A 218 34.46 -5.68 -29.01
CA LYS A 218 34.57 -4.84 -30.19
C LYS A 218 35.97 -4.25 -30.28
N SER A 219 36.47 -4.12 -31.52
CA SER A 219 37.83 -3.63 -31.76
C SER A 219 37.98 -2.14 -31.52
N CYS A 220 36.95 -1.48 -31.00
CA CYS A 220 37.02 -0.07 -30.66
C CYS A 220 37.85 0.19 -29.39
N ASP B 1 -10.31 -5.16 10.16
CA ASP B 1 -8.95 -5.13 9.62
C ASP B 1 -8.02 -4.30 10.50
N ILE B 2 -6.95 -4.94 10.97
CA ILE B 2 -5.95 -4.28 11.80
C ILE B 2 -4.78 -3.90 10.92
N VAL B 3 -4.24 -2.69 11.12
CA VAL B 3 -3.20 -2.15 10.27
C VAL B 3 -1.91 -2.11 11.08
N MET B 4 -0.90 -2.83 10.60
CA MET B 4 0.43 -2.80 11.19
C MET B 4 1.25 -1.77 10.44
N THR B 5 1.60 -0.68 11.13
CA THR B 5 2.38 0.40 10.54
C THR B 5 3.81 0.32 11.02
N GLN B 6 4.74 0.07 10.09
CA GLN B 6 6.15 -0.04 10.40
C GLN B 6 6.84 1.31 10.19
N SER B 7 7.98 1.46 10.85
CA SER B 7 8.81 2.66 10.71
C SER B 7 10.23 2.33 11.15
N PRO B 8 11.24 2.64 10.33
CA PRO B 8 11.09 3.23 9.00
C PRO B 8 10.88 2.15 7.94
N LEU B 9 10.86 2.53 6.66
CA LEU B 9 10.80 1.55 5.59
C LEU B 9 12.17 1.18 5.06
N SER B 10 13.15 2.08 5.18
CA SER B 10 14.53 1.80 4.86
C SER B 10 15.38 2.14 6.08
N LEU B 11 16.35 1.27 6.39
CA LEU B 11 17.15 1.40 7.61
C LEU B 11 18.61 1.18 7.25
N PRO B 12 19.36 2.24 6.96
CA PRO B 12 20.81 2.13 6.73
C PRO B 12 21.53 2.09 8.08
N VAL B 13 22.29 1.02 8.31
CA VAL B 13 22.96 0.79 9.58
C VAL B 13 24.39 0.37 9.32
N THR B 14 25.34 0.95 10.08
CA THR B 14 26.75 0.58 10.06
C THR B 14 26.94 -0.73 10.81
N PRO B 15 27.82 -1.61 10.36
CA PRO B 15 28.05 -2.85 11.10
C PRO B 15 28.46 -2.55 12.54
N GLY B 16 27.95 -3.37 13.46
CA GLY B 16 28.19 -3.17 14.87
C GLY B 16 27.25 -2.19 15.55
N GLU B 17 26.69 -1.25 14.80
CA GLU B 17 25.75 -0.29 15.38
C GLU B 17 24.41 -0.96 15.65
N PRO B 18 23.74 -0.61 16.74
CA PRO B 18 22.40 -1.15 16.98
C PRO B 18 21.37 -0.59 16.02
N ALA B 19 20.40 -1.43 15.67
CA ALA B 19 19.26 -1.05 14.85
C ALA B 19 17.97 -1.39 15.58
N SER B 20 16.92 -0.61 15.30
CA SER B 20 15.63 -0.85 15.94
C SER B 20 14.52 -0.44 14.98
N ILE B 21 13.51 -1.29 14.88
CA ILE B 21 12.39 -1.09 13.97
C ILE B 21 11.10 -1.02 14.80
N THR B 22 10.27 -0.04 14.50
CA THR B 22 9.02 0.17 15.22
C THR B 22 7.84 -0.31 14.41
N CYS B 23 6.86 -0.89 15.10
CA CYS B 23 5.63 -1.38 14.49
C CYS B 23 4.47 -0.99 15.39
N LYS B 24 3.45 -0.37 14.82
CA LYS B 24 2.33 0.14 15.61
C LYS B 24 1.02 -0.38 15.03
N ALA B 25 0.24 -1.05 15.89
CA ALA B 25 -1.00 -1.67 15.48
C ALA B 25 -2.16 -0.69 15.57
N SER B 26 -3.05 -0.73 14.58
CA SER B 26 -4.18 0.19 14.54
C SER B 26 -5.15 -0.02 15.69
N GLN B 27 -5.08 -1.15 16.39
CA GLN B 27 -5.91 -1.39 17.57
C GLN B 27 -5.20 -2.39 18.46
N ASP B 28 -5.71 -2.54 19.68
CA ASP B 28 -5.06 -3.36 20.69
C ASP B 28 -4.99 -4.82 20.23
N VAL B 29 -3.77 -5.36 20.21
CA VAL B 29 -3.55 -6.75 19.82
C VAL B 29 -2.80 -7.48 20.92
N GLU B 30 -2.84 -6.93 22.14
CA GLU B 30 -2.12 -7.48 23.27
C GLU B 30 -0.64 -7.65 22.93
N THR B 31 -0.13 -8.88 22.99
CA THR B 31 1.26 -9.17 22.66
C THR B 31 1.38 -10.20 21.54
N VAL B 32 0.33 -10.36 20.73
CA VAL B 32 0.30 -11.40 19.68
C VAL B 32 0.92 -10.77 18.44
N VAL B 33 2.25 -10.69 18.45
CA VAL B 33 3.00 -10.06 17.37
C VAL B 33 4.25 -10.88 17.08
N ALA B 34 4.52 -11.11 15.80
CA ALA B 34 5.69 -11.86 15.35
C ALA B 34 6.52 -11.00 14.40
N TRP B 35 7.83 -11.24 14.42
CA TRP B 35 8.78 -10.54 13.56
C TRP B 35 9.49 -11.54 12.67
N TYR B 36 9.57 -11.23 11.39
CA TYR B 36 10.22 -12.08 10.40
C TYR B 36 11.30 -11.31 9.66
N LEU B 37 12.34 -12.04 9.23
CA LEU B 37 13.34 -11.54 8.31
C LEU B 37 13.25 -12.34 7.02
N GLN B 38 13.27 -11.66 5.89
CA GLN B 38 13.25 -12.30 4.58
C GLN B 38 14.46 -11.81 3.79
N LYS B 39 15.44 -12.69 3.61
CA LYS B 39 16.59 -12.36 2.79
C LYS B 39 16.20 -12.43 1.31
N PRO B 40 16.81 -11.60 0.47
CA PRO B 40 16.39 -11.54 -0.95
C PRO B 40 16.46 -12.91 -1.60
N GLY B 41 15.39 -13.27 -2.30
CA GLY B 41 15.33 -14.56 -2.96
C GLY B 41 15.14 -15.73 -2.02
N GLN B 42 14.60 -15.50 -0.83
CA GLN B 42 14.35 -16.56 0.13
C GLN B 42 12.99 -16.36 0.78
N SER B 43 12.50 -17.43 1.40
CA SER B 43 11.23 -17.35 2.09
C SER B 43 11.40 -16.62 3.42
N PRO B 44 10.32 -16.03 3.95
CA PRO B 44 10.40 -15.41 5.26
C PRO B 44 10.85 -16.39 6.34
N ARG B 45 11.45 -15.85 7.39
CA ARG B 45 11.99 -16.63 8.49
C ARG B 45 11.65 -15.96 9.81
N LEU B 46 11.05 -16.73 10.73
CA LEU B 46 10.60 -16.19 12.00
C LEU B 46 11.77 -15.85 12.91
N LEU B 47 11.76 -14.64 13.47
CA LEU B 47 12.77 -14.21 14.44
C LEU B 47 12.23 -14.15 15.86
N ILE B 48 11.17 -13.37 16.08
CA ILE B 48 10.59 -13.17 17.41
C ILE B 48 9.12 -13.55 17.34
N TYR B 49 8.61 -14.18 18.39
CA TYR B 49 7.19 -14.46 18.50
C TYR B 49 6.71 -14.07 19.89
N TRP B 50 5.39 -13.88 19.99
CA TRP B 50 4.75 -13.37 21.20
C TRP B 50 5.45 -12.10 21.69
N ALA B 51 5.69 -11.19 20.75
CA ALA B 51 6.25 -9.86 20.99
C ALA B 51 7.69 -9.87 21.50
N SER B 52 8.09 -10.90 22.25
CA SER B 52 9.40 -10.85 22.92
C SER B 52 10.17 -12.16 22.93
N THR B 53 9.55 -13.30 22.68
CA THR B 53 10.24 -14.58 22.81
C THR B 53 11.01 -14.89 21.53
N ARG B 54 12.28 -15.26 21.69
CA ARG B 54 13.11 -15.59 20.54
C ARG B 54 12.77 -16.98 20.02
N HIS B 55 12.61 -17.10 18.70
CA HIS B 55 12.37 -18.39 18.09
C HIS B 55 13.63 -19.25 18.17
N THR B 56 13.45 -20.56 18.02
CA THR B 56 14.56 -21.50 18.12
C THR B 56 15.62 -21.21 17.06
N GLY B 57 16.85 -21.01 17.51
CA GLY B 57 17.96 -20.79 16.60
C GLY B 57 18.26 -19.34 16.29
N VAL B 58 17.43 -18.41 16.73
CA VAL B 58 17.69 -16.99 16.46
C VAL B 58 18.82 -16.51 17.37
N PRO B 59 19.84 -15.86 16.83
CA PRO B 59 20.93 -15.36 17.68
C PRO B 59 20.41 -14.40 18.75
N ASP B 60 21.16 -14.33 19.85
CA ASP B 60 20.75 -13.54 21.00
C ASP B 60 20.80 -12.04 20.74
N ARG B 61 21.46 -11.59 19.67
CA ARG B 61 21.48 -10.16 19.36
C ARG B 61 20.16 -9.64 18.83
N PHE B 62 19.22 -10.54 18.51
CA PHE B 62 17.86 -10.14 18.18
C PHE B 62 17.01 -10.13 19.44
N SER B 63 16.17 -9.12 19.58
CA SER B 63 15.25 -9.05 20.71
C SER B 63 13.98 -8.34 20.26
N GLY B 64 12.90 -8.60 20.97
CA GLY B 64 11.63 -7.98 20.68
C GLY B 64 10.98 -7.51 21.95
N SER B 65 10.24 -6.41 21.85
CA SER B 65 9.58 -5.84 23.00
C SER B 65 8.30 -5.16 22.54
N GLY B 66 7.48 -4.77 23.52
CA GLY B 66 6.26 -4.05 23.25
C GLY B 66 5.01 -4.79 23.67
N SER B 67 3.91 -4.06 23.78
CA SER B 67 2.62 -4.62 24.13
C SER B 67 1.55 -3.63 23.73
N GLY B 68 0.29 -4.06 23.85
CA GLY B 68 -0.79 -3.21 23.42
C GLY B 68 -0.72 -2.92 21.93
N THR B 69 -0.40 -1.68 21.58
CA THR B 69 -0.30 -1.27 20.18
C THR B 69 1.12 -0.92 19.73
N ASP B 70 2.09 -0.85 20.64
CA ASP B 70 3.42 -0.36 20.31
C ASP B 70 4.44 -1.48 20.48
N PHE B 71 5.19 -1.79 19.42
CA PHE B 71 6.13 -2.89 19.42
C PHE B 71 7.43 -2.46 18.76
N THR B 72 8.52 -3.12 19.16
CA THR B 72 9.86 -2.73 18.72
C THR B 72 10.73 -3.98 18.56
N LEU B 73 11.36 -4.11 17.40
CA LEU B 73 12.40 -5.10 17.16
C LEU B 73 13.75 -4.43 17.30
N LYS B 74 14.70 -5.09 17.98
CA LYS B 74 16.01 -4.53 18.23
C LYS B 74 17.10 -5.54 17.85
N ILE B 75 18.09 -5.07 17.09
CA ILE B 75 19.30 -5.83 16.78
C ILE B 75 20.46 -5.09 17.42
N SER B 76 21.05 -5.71 18.46
CA SER B 76 22.04 -5.02 19.28
C SER B 76 23.29 -4.67 18.49
N ARG B 77 23.78 -5.58 17.66
CA ARG B 77 24.99 -5.36 16.85
C ARG B 77 24.72 -5.95 15.47
N VAL B 78 24.48 -5.07 14.49
CA VAL B 78 24.07 -5.51 13.16
C VAL B 78 25.24 -6.15 12.44
N GLU B 79 25.10 -7.44 12.11
CA GLU B 79 26.06 -8.13 11.27
C GLU B 79 25.71 -7.89 9.79
N ALA B 80 26.61 -8.31 8.91
CA ALA B 80 26.34 -8.22 7.48
C ALA B 80 25.26 -9.21 7.05
N GLU B 81 25.07 -10.29 7.80
CA GLU B 81 24.10 -11.33 7.48
C GLU B 81 22.70 -11.03 7.97
N ASP B 82 22.41 -9.78 8.35
CA ASP B 82 21.07 -9.39 8.74
C ASP B 82 20.36 -8.58 7.66
N VAL B 83 20.99 -8.39 6.49
CA VAL B 83 20.37 -7.63 5.40
C VAL B 83 19.13 -8.36 4.90
N GLY B 84 18.08 -7.61 4.64
CA GLY B 84 16.84 -8.18 4.17
C GLY B 84 15.68 -7.28 4.55
N VAL B 85 14.48 -7.81 4.39
CA VAL B 85 13.26 -7.09 4.73
C VAL B 85 12.71 -7.67 6.03
N TYR B 86 12.39 -6.79 6.97
CA TYR B 86 11.84 -7.18 8.26
C TYR B 86 10.35 -6.85 8.30
N TYR B 87 9.55 -7.86 8.64
CA TYR B 87 8.10 -7.71 8.71
C TYR B 87 7.65 -7.90 10.15
N CYS B 88 6.69 -7.09 10.57
CA CYS B 88 5.94 -7.36 11.79
C CYS B 88 4.56 -7.85 11.38
N GLN B 89 3.94 -8.66 12.25
CA GLN B 89 2.65 -9.25 11.94
C GLN B 89 1.88 -9.48 13.22
N GLN B 90 0.58 -9.16 13.19
CA GLN B 90 -0.33 -9.52 14.25
C GLN B 90 -1.09 -10.79 13.86
N TYR B 91 -1.25 -11.70 14.81
CA TYR B 91 -2.07 -12.89 14.62
C TYR B 91 -3.04 -13.03 15.78
N SER B 92 -3.62 -11.91 16.20
CA SER B 92 -4.64 -11.85 17.24
C SER B 92 -6.04 -12.07 16.66
N ARG B 93 -6.36 -11.39 15.57
CA ARG B 93 -7.66 -11.52 14.93
C ARG B 93 -7.48 -11.77 13.44
N TYR B 94 -8.45 -12.47 12.85
CA TYR B 94 -8.46 -12.55 11.39
C TYR B 94 -9.10 -11.29 10.81
N PRO B 95 -8.60 -10.78 9.68
CA PRO B 95 -7.47 -11.33 8.92
C PRO B 95 -6.12 -11.01 9.53
N TRP B 96 -5.18 -11.94 9.43
CA TRP B 96 -3.81 -11.66 9.82
C TRP B 96 -3.22 -10.64 8.87
N THR B 97 -2.57 -9.63 9.44
CA THR B 97 -2.04 -8.52 8.65
C THR B 97 -0.57 -8.31 8.98
N PHE B 98 0.23 -8.07 7.95
CA PHE B 98 1.65 -7.81 8.07
C PHE B 98 1.95 -6.32 7.95
N GLY B 99 3.17 -5.96 8.31
CA GLY B 99 3.67 -4.64 7.99
C GLY B 99 4.10 -4.55 6.54
N GLN B 100 4.38 -3.32 6.11
CA GLN B 100 4.77 -3.08 4.73
C GLN B 100 6.21 -3.49 4.43
N GLY B 101 7.00 -3.77 5.45
CA GLY B 101 8.36 -4.21 5.26
C GLY B 101 9.34 -3.11 5.63
N THR B 102 10.49 -3.53 6.18
CA THR B 102 11.58 -2.62 6.53
C THR B 102 12.86 -3.18 5.94
N LYS B 103 13.40 -2.50 4.95
CA LYS B 103 14.59 -2.97 4.27
C LYS B 103 15.82 -2.53 5.04
N LEU B 104 16.58 -3.49 5.55
CA LEU B 104 17.81 -3.21 6.28
C LEU B 104 18.98 -3.25 5.31
N GLU B 105 19.63 -2.10 5.11
CA GLU B 105 20.78 -2.01 4.25
C GLU B 105 21.99 -1.58 5.07
N ILE B 106 23.16 -2.06 4.66
CA ILE B 106 24.40 -1.76 5.37
C ILE B 106 24.86 -0.37 4.95
N LYS B 107 25.14 0.48 5.93
CA LYS B 107 25.72 1.79 5.67
C LYS B 107 27.22 1.70 5.50
N ARG B 108 27.75 2.31 4.45
CA ARG B 108 29.16 2.20 4.12
C ARG B 108 29.63 3.52 3.53
N THR B 109 30.91 3.56 3.17
CA THR B 109 31.52 4.74 2.59
C THR B 109 30.93 5.05 1.23
N VAL B 110 30.84 6.35 0.92
CA VAL B 110 30.33 6.78 -0.37
C VAL B 110 31.25 6.28 -1.47
N ALA B 111 30.67 5.58 -2.45
CA ALA B 111 31.41 5.08 -3.60
C ALA B 111 30.76 5.61 -4.87
N ALA B 112 31.57 6.24 -5.72
CA ALA B 112 31.06 6.76 -6.98
C ALA B 112 30.93 5.63 -8.01
N PRO B 113 29.96 5.70 -8.89
CA PRO B 113 29.78 4.63 -9.87
C PRO B 113 30.80 4.67 -10.99
N SER B 114 31.10 3.48 -11.51
CA SER B 114 31.84 3.33 -12.75
C SER B 114 30.80 3.23 -13.88
N VAL B 115 30.87 4.17 -14.83
CA VAL B 115 29.85 4.27 -15.86
C VAL B 115 30.34 3.57 -17.12
N PHE B 116 29.48 2.75 -17.71
CA PHE B 116 29.75 2.06 -18.96
C PHE B 116 28.53 2.19 -19.86
N ILE B 117 28.77 2.20 -21.17
CA ILE B 117 27.70 2.34 -22.14
C ILE B 117 27.88 1.27 -23.21
N PHE B 118 26.76 0.75 -23.71
CA PHE B 118 26.76 -0.33 -24.69
C PHE B 118 25.87 0.10 -25.85
N PRO B 119 26.41 0.27 -27.06
CA PRO B 119 25.56 0.52 -28.21
C PRO B 119 24.79 -0.74 -28.59
N PRO B 120 23.72 -0.61 -29.35
CA PRO B 120 22.97 -1.81 -29.76
C PRO B 120 23.85 -2.74 -30.58
N SER B 121 23.66 -4.04 -30.37
CA SER B 121 24.42 -5.03 -31.09
C SER B 121 23.98 -5.11 -32.55
N ASP B 122 24.88 -5.63 -33.39
CA ASP B 122 24.50 -5.88 -34.78
C ASP B 122 23.46 -7.00 -34.87
N GLU B 123 23.55 -7.99 -33.98
CA GLU B 123 22.59 -9.08 -34.01
C GLU B 123 21.20 -8.60 -33.66
N GLN B 124 21.08 -7.64 -32.73
CA GLN B 124 19.77 -7.14 -32.37
C GLN B 124 19.23 -6.18 -33.42
N LEU B 125 20.09 -5.32 -33.98
CA LEU B 125 19.64 -4.37 -35.00
C LEU B 125 19.08 -5.08 -36.23
N LYS B 126 19.53 -6.31 -36.49
CA LYS B 126 18.98 -7.11 -37.58
C LYS B 126 17.53 -7.49 -37.33
N SER B 127 16.99 -7.24 -36.14
CA SER B 127 15.67 -7.70 -35.76
C SER B 127 14.67 -6.57 -35.53
N GLY B 128 15.05 -5.31 -35.74
CA GLY B 128 14.10 -4.23 -35.65
C GLY B 128 14.20 -3.33 -34.43
N THR B 129 14.47 -3.90 -33.27
CA THR B 129 14.63 -3.12 -32.06
C THR B 129 16.11 -2.77 -31.83
N ALA B 130 16.34 -1.72 -31.06
CA ALA B 130 17.68 -1.27 -30.69
C ALA B 130 17.64 -0.75 -29.26
N SER B 131 18.47 -1.35 -28.40
CA SER B 131 18.50 -1.00 -26.99
C SER B 131 19.89 -0.52 -26.62
N VAL B 132 19.98 0.69 -26.09
CA VAL B 132 21.23 1.29 -25.64
C VAL B 132 21.28 1.18 -24.12
N VAL B 133 22.29 0.48 -23.61
CA VAL B 133 22.38 0.16 -22.19
C VAL B 133 23.50 1.00 -21.57
N CYS B 134 23.15 1.72 -20.51
CA CYS B 134 24.11 2.44 -19.69
C CYS B 134 24.17 1.75 -18.34
N LEU B 135 25.36 1.36 -17.91
CA LEU B 135 25.56 0.59 -16.70
C LEU B 135 26.28 1.44 -15.66
N LEU B 136 25.64 1.63 -14.51
CA LEU B 136 26.26 2.25 -13.34
C LEU B 136 26.63 1.13 -12.38
N ASN B 137 27.93 0.90 -12.21
CA ASN B 137 28.43 -0.27 -11.51
C ASN B 137 29.05 0.12 -10.17
N ASN B 138 28.65 -0.60 -9.12
CA ASN B 138 29.28 -0.51 -7.79
C ASN B 138 29.30 0.91 -7.25
N PHE B 139 28.17 1.40 -6.74
CA PHE B 139 28.08 2.71 -6.15
C PHE B 139 27.29 2.64 -4.86
N TYR B 140 27.46 3.68 -4.02
CA TYR B 140 26.71 3.82 -2.79
C TYR B 140 26.68 5.31 -2.45
N PRO B 141 25.55 5.86 -2.01
CA PRO B 141 24.27 5.18 -1.78
C PRO B 141 23.48 4.89 -3.05
N ARG B 142 22.26 4.38 -2.88
CA ARG B 142 21.44 3.97 -4.01
C ARG B 142 20.97 5.17 -4.85
N GLU B 143 20.99 6.37 -4.29
CA GLU B 143 20.49 7.55 -5.00
C GLU B 143 21.40 7.88 -6.19
N ALA B 144 20.87 7.72 -7.40
CA ALA B 144 21.61 8.04 -8.61
C ALA B 144 20.63 8.61 -9.64
N LYS B 145 21.18 9.36 -10.59
CA LYS B 145 20.38 9.98 -11.65
C LYS B 145 21.05 9.74 -13.00
N VAL B 146 20.25 9.33 -13.99
CA VAL B 146 20.74 9.03 -15.34
C VAL B 146 19.93 9.86 -16.34
N GLN B 147 20.65 10.61 -17.19
CA GLN B 147 20.03 11.42 -18.23
C GLN B 147 20.53 10.97 -19.60
N TRP B 148 19.60 10.67 -20.49
CA TRP B 148 19.91 10.33 -21.87
C TRP B 148 19.83 11.57 -22.76
N LYS B 149 20.87 11.78 -23.56
CA LYS B 149 20.92 12.88 -24.53
C LYS B 149 21.18 12.28 -25.91
N VAL B 150 20.22 12.40 -26.81
CA VAL B 150 20.35 11.94 -28.19
C VAL B 150 20.53 13.18 -29.06
N ASP B 151 21.75 13.38 -29.56
CA ASP B 151 22.12 14.60 -30.28
C ASP B 151 21.88 15.84 -29.42
N ASN B 152 22.29 15.75 -28.15
CA ASN B 152 22.13 16.78 -27.14
C ASN B 152 20.67 17.11 -26.82
N ALA B 153 19.72 16.31 -27.32
CA ALA B 153 18.31 16.50 -27.01
C ALA B 153 17.95 15.58 -25.84
N LEU B 154 17.67 16.18 -24.69
CA LEU B 154 17.38 15.39 -23.50
C LEU B 154 16.13 14.54 -23.70
N GLN B 155 16.26 13.24 -23.45
CA GLN B 155 15.15 12.33 -23.58
C GLN B 155 14.26 12.38 -22.34
N SER B 156 13.08 11.76 -22.44
CA SER B 156 12.11 11.81 -21.35
C SER B 156 11.15 10.64 -21.48
N GLY B 157 11.04 9.84 -20.42
CA GLY B 157 10.07 8.76 -20.37
C GLY B 157 10.22 7.70 -21.41
N ASN B 158 11.42 7.52 -21.96
CA ASN B 158 11.67 6.50 -22.98
C ASN B 158 12.80 5.56 -22.57
N SER B 159 13.09 5.49 -21.27
CA SER B 159 14.18 4.67 -20.76
C SER B 159 13.74 3.99 -19.47
N GLN B 160 14.08 2.72 -19.36
CA GLN B 160 13.74 1.89 -18.21
C GLN B 160 15.02 1.53 -17.47
N GLU B 161 15.01 1.70 -16.15
CA GLU B 161 16.16 1.36 -15.34
C GLU B 161 15.82 0.24 -14.37
N SER B 162 16.87 -0.34 -13.79
CA SER B 162 16.75 -1.49 -12.91
C SER B 162 17.93 -1.46 -11.94
N VAL B 163 17.66 -1.69 -10.66
CA VAL B 163 18.68 -1.62 -9.62
C VAL B 163 18.78 -2.99 -8.97
N THR B 164 20.01 -3.43 -8.73
CA THR B 164 20.25 -4.67 -8.00
C THR B 164 20.14 -4.43 -6.49
N GLU B 165 19.81 -5.52 -5.77
CA GLU B 165 19.88 -5.47 -4.32
C GLU B 165 21.31 -5.21 -3.87
N GLN B 166 21.43 -4.72 -2.64
CA GLN B 166 22.76 -4.38 -2.11
C GLN B 166 23.64 -5.61 -2.10
N ASP B 167 24.85 -5.46 -2.64
CA ASP B 167 25.79 -6.57 -2.73
C ASP B 167 26.15 -7.08 -1.34
N SER B 168 26.35 -8.39 -1.24
CA SER B 168 26.64 -9.03 0.05
C SER B 168 28.13 -9.07 0.37
N LYS B 169 28.98 -8.48 -0.46
CA LYS B 169 30.41 -8.42 -0.19
C LYS B 169 30.87 -6.99 0.10
N ASP B 170 30.68 -6.07 -0.86
CA ASP B 170 31.09 -4.68 -0.70
C ASP B 170 29.93 -3.74 -0.41
N SER B 171 28.71 -4.26 -0.30
CA SER B 171 27.54 -3.47 0.12
C SER B 171 27.26 -2.31 -0.83
N THR B 172 27.43 -2.56 -2.13
CA THR B 172 27.18 -1.53 -3.15
C THR B 172 25.98 -1.91 -4.00
N TYR B 173 25.49 -0.92 -4.74
CA TYR B 173 24.41 -1.09 -5.69
C TYR B 173 24.95 -0.96 -7.11
N SER B 174 24.20 -1.52 -8.06
CA SER B 174 24.50 -1.35 -9.48
C SER B 174 23.21 -1.05 -10.21
N LEU B 175 23.28 -0.16 -11.20
CA LEU B 175 22.11 0.30 -11.92
C LEU B 175 22.33 0.13 -13.41
N SER B 176 21.24 -0.17 -14.13
CA SER B 176 21.27 -0.31 -15.58
C SER B 176 20.09 0.44 -16.17
N SER B 177 20.39 1.46 -16.99
CA SER B 177 19.39 2.26 -17.67
C SER B 177 19.40 1.91 -19.16
N THR B 178 18.30 1.34 -19.65
CA THR B 178 18.20 0.90 -21.04
C THR B 178 17.25 1.82 -21.80
N LEU B 179 17.76 2.47 -22.83
CA LEU B 179 16.98 3.33 -23.72
C LEU B 179 16.61 2.51 -24.95
N THR B 180 15.31 2.28 -25.14
CA THR B 180 14.83 1.42 -26.21
C THR B 180 14.16 2.26 -27.30
N LEU B 181 14.57 2.03 -28.55
CA LEU B 181 14.03 2.73 -29.71
C LEU B 181 13.83 1.71 -30.83
N SER B 182 13.15 2.15 -31.89
CA SER B 182 13.03 1.35 -33.09
C SER B 182 14.28 1.47 -33.95
N LYS B 183 14.47 0.50 -34.86
CA LYS B 183 15.62 0.53 -35.75
C LYS B 183 15.64 1.82 -36.58
N ALA B 184 14.48 2.27 -37.05
CA ALA B 184 14.40 3.50 -37.81
C ALA B 184 14.80 4.71 -36.95
N ASP B 185 14.12 4.90 -35.82
CA ASP B 185 14.43 6.04 -34.96
C ASP B 185 15.86 6.02 -34.46
N TYR B 186 16.42 4.84 -34.21
CA TYR B 186 17.81 4.76 -33.78
C TYR B 186 18.75 5.22 -34.90
N GLU B 187 18.51 4.73 -36.13
CA GLU B 187 19.33 5.08 -37.27
C GLU B 187 19.16 6.55 -37.70
N LYS B 188 18.24 7.28 -37.09
CA LYS B 188 18.06 8.68 -37.43
C LYS B 188 19.11 9.58 -36.79
N HIS B 189 19.69 9.16 -35.67
CA HIS B 189 20.54 10.04 -34.87
C HIS B 189 21.95 9.49 -34.78
N LYS B 190 22.87 10.37 -34.37
CA LYS B 190 24.29 10.06 -34.33
C LYS B 190 24.79 9.89 -32.91
N VAL B 191 24.80 10.95 -32.10
CA VAL B 191 25.44 10.93 -30.79
C VAL B 191 24.43 10.47 -29.75
N TYR B 192 24.75 9.39 -29.04
CA TYR B 192 23.96 8.90 -27.93
C TYR B 192 24.79 9.01 -26.66
N ALA B 193 24.26 9.70 -25.66
CA ALA B 193 25.03 10.02 -24.47
C ALA B 193 24.26 9.63 -23.23
N CYS B 194 25.00 9.22 -22.20
CA CYS B 194 24.45 8.85 -20.91
C CYS B 194 25.14 9.68 -19.85
N GLU B 195 24.36 10.48 -19.12
CA GLU B 195 24.89 11.41 -18.13
C GLU B 195 24.48 10.94 -16.73
N VAL B 196 25.48 10.75 -15.86
CA VAL B 196 25.28 10.14 -14.56
C VAL B 196 25.56 11.18 -13.47
N THR B 197 24.64 11.31 -12.52
CA THR B 197 24.80 12.16 -11.36
C THR B 197 24.76 11.30 -10.11
N HIS B 198 25.75 11.47 -9.24
CA HIS B 198 25.83 10.69 -8.01
C HIS B 198 26.55 11.51 -6.95
N GLN B 199 26.26 11.21 -5.68
CA GLN B 199 26.85 11.96 -4.58
C GLN B 199 28.38 11.86 -4.59
N GLY B 200 28.92 10.71 -5.00
CA GLY B 200 30.36 10.53 -5.06
C GLY B 200 31.04 11.10 -6.28
N LEU B 201 30.31 11.79 -7.14
CA LEU B 201 30.86 12.40 -8.35
C LEU B 201 30.94 13.91 -8.18
N SER B 202 32.11 14.47 -8.51
CA SER B 202 32.26 15.92 -8.42
C SER B 202 31.36 16.64 -9.41
N SER B 203 31.22 16.08 -10.62
CA SER B 203 30.40 16.67 -11.68
C SER B 203 29.84 15.54 -12.52
N PRO B 204 28.70 15.74 -13.18
CA PRO B 204 28.07 14.67 -13.95
C PRO B 204 29.02 14.04 -14.96
N VAL B 205 29.05 12.70 -14.99
CA VAL B 205 29.90 11.93 -15.90
C VAL B 205 29.07 11.53 -17.11
N THR B 206 29.66 11.65 -18.30
CA THR B 206 28.96 11.31 -19.54
C THR B 206 29.77 10.27 -20.32
N LYS B 207 29.08 9.22 -20.77
CA LYS B 207 29.65 8.23 -21.68
C LYS B 207 28.85 8.28 -22.97
N SER B 208 29.54 8.52 -24.08
CA SER B 208 28.89 8.73 -25.37
C SER B 208 29.47 7.79 -26.41
N PHE B 209 28.75 7.68 -27.53
CA PHE B 209 29.26 6.98 -28.70
C PHE B 209 28.52 7.51 -29.92
N ASN B 210 29.21 7.54 -31.05
CA ASN B 210 28.59 7.87 -32.32
C ASN B 210 28.04 6.60 -32.95
N ARG B 211 26.87 6.72 -33.57
CA ARG B 211 26.23 5.55 -34.18
C ARG B 211 27.02 5.08 -35.39
N GLY B 212 27.27 3.77 -35.45
CA GLY B 212 27.90 3.18 -36.61
C GLY B 212 29.41 3.05 -36.54
N GLU B 213 30.05 3.49 -35.46
CA GLU B 213 31.50 3.37 -35.37
C GLU B 213 31.94 2.07 -34.70
N CYS B 214 31.02 1.31 -34.10
CA CYS B 214 31.36 0.03 -33.48
C CYS B 214 30.27 -0.99 -33.73
N ARG C 10 -16.64 -15.28 20.52
CA ARG C 10 -17.46 -15.92 21.55
C ARG C 10 -16.64 -16.13 22.82
N PRO C 11 -17.26 -15.93 23.98
CA PRO C 11 -16.54 -16.16 25.24
C PRO C 11 -16.42 -17.64 25.57
N TRP C 12 -15.27 -18.00 26.16
CA TRP C 12 -15.02 -19.36 26.61
C TRP C 12 -14.34 -19.32 27.96
N ASN C 13 -14.39 -20.45 28.68
CA ASN C 13 -13.89 -20.56 30.04
C ASN C 13 -12.51 -21.19 30.07
N PRO C 14 -11.67 -20.80 31.03
CA PRO C 14 -10.31 -21.34 31.12
C PRO C 14 -10.31 -22.84 31.40
N PRO C 15 -9.20 -23.53 31.16
CA PRO C 15 -9.17 -24.97 31.39
C PRO C 15 -9.14 -25.33 32.87
N THR C 16 -9.57 -26.55 33.16
CA THR C 16 -9.55 -27.09 34.51
C THR C 16 -8.45 -28.14 34.62
N PHE C 17 -7.82 -28.21 35.79
CA PHE C 17 -6.65 -29.05 36.01
C PHE C 17 -6.83 -29.79 37.34
N SER C 18 -7.21 -31.06 37.26
CA SER C 18 -7.35 -31.92 38.42
C SER C 18 -6.41 -33.11 38.29
N PRO C 19 -6.03 -33.75 39.41
CA PRO C 19 -6.41 -33.41 40.79
C PRO C 19 -5.74 -32.15 41.34
N ALA C 20 -6.36 -31.54 42.34
CA ALA C 20 -5.80 -30.34 42.96
C ALA C 20 -4.53 -30.66 43.75
N LEU C 21 -4.42 -31.88 44.25
CA LEU C 21 -3.24 -32.32 44.97
C LEU C 21 -3.02 -33.80 44.67
N LEU C 22 -1.76 -34.17 44.47
CA LEU C 22 -1.42 -35.53 44.05
C LEU C 22 -0.14 -35.94 44.75
N VAL C 23 -0.19 -37.03 45.51
CA VAL C 23 0.95 -37.55 46.26
C VAL C 23 1.29 -38.93 45.72
N VAL C 24 2.56 -39.14 45.39
CA VAL C 24 3.02 -40.38 44.78
C VAL C 24 4.41 -40.72 45.29
N THR C 25 4.62 -41.99 45.63
CA THR C 25 5.94 -42.43 46.06
C THR C 25 6.89 -42.46 44.87
N GLU C 26 8.17 -42.25 45.16
CA GLU C 26 9.19 -42.16 44.12
C GLU C 26 9.17 -43.39 43.22
N GLY C 27 9.26 -43.16 41.91
CA GLY C 27 9.31 -44.20 40.92
C GLY C 27 8.01 -44.41 40.16
N ASP C 28 6.87 -44.10 40.75
CA ASP C 28 5.61 -44.30 40.08
C ASP C 28 5.31 -43.14 39.12
N ASN C 29 4.41 -43.40 38.18
CA ASN C 29 3.91 -42.37 37.28
C ASN C 29 2.84 -41.54 37.99
N ALA C 30 2.79 -40.26 37.67
CA ALA C 30 1.78 -39.35 38.19
C ALA C 30 1.08 -38.68 37.02
N THR C 31 -0.25 -38.60 37.07
CA THR C 31 -1.04 -38.17 35.92
C THR C 31 -2.10 -37.16 36.34
N PHE C 32 -2.07 -35.99 35.71
CA PHE C 32 -3.12 -34.98 35.82
C PHE C 32 -4.02 -35.04 34.59
N THR C 33 -5.20 -34.44 34.73
CA THR C 33 -6.15 -34.30 33.63
C THR C 33 -6.47 -32.83 33.43
N CYS C 34 -6.11 -32.31 32.26
CA CYS C 34 -6.42 -30.93 31.87
C CYS C 34 -7.59 -30.96 30.89
N SER C 35 -8.71 -30.37 31.29
CA SER C 35 -9.92 -30.35 30.48
C SER C 35 -10.13 -28.95 29.93
N PHE C 36 -10.42 -28.86 28.62
CA PHE C 36 -10.57 -27.57 27.95
C PHE C 36 -11.70 -27.65 26.95
N SER C 37 -12.65 -26.73 27.06
CA SER C 37 -13.84 -26.71 26.20
C SER C 37 -13.59 -25.69 25.09
N ASN C 38 -12.95 -26.14 24.02
CA ASN C 38 -12.55 -25.24 22.95
C ASN C 38 -13.74 -24.80 22.10
N THR C 39 -13.68 -23.55 21.64
CA THR C 39 -14.67 -22.99 20.73
C THR C 39 -14.25 -23.06 19.27
N SER C 40 -12.95 -23.25 19.00
CA SER C 40 -12.46 -23.50 17.66
C SER C 40 -11.49 -24.67 17.66
N GLU C 41 -10.86 -24.95 16.53
CA GLU C 41 -9.87 -26.01 16.44
C GLU C 41 -8.44 -25.50 16.40
N SER C 42 -8.24 -24.18 16.40
CA SER C 42 -6.90 -23.60 16.42
C SER C 42 -6.57 -23.22 17.85
N PHE C 43 -5.93 -24.13 18.56
CA PHE C 43 -5.51 -23.88 19.94
C PHE C 43 -4.40 -24.86 20.30
N VAL C 44 -3.65 -24.49 21.34
CA VAL C 44 -2.63 -25.38 21.92
C VAL C 44 -2.81 -25.40 23.44
N LEU C 45 -2.38 -26.50 24.05
CA LEU C 45 -2.36 -26.62 25.50
C LEU C 45 -0.91 -26.79 25.94
N ASN C 46 -0.47 -25.90 26.83
CA ASN C 46 0.87 -25.95 27.40
C ASN C 46 0.80 -26.42 28.84
N TRP C 47 1.79 -27.21 29.25
CA TRP C 47 1.86 -27.80 30.59
C TRP C 47 3.02 -27.18 31.34
N TYR C 48 2.72 -26.31 32.29
CA TYR C 48 3.74 -25.54 32.98
C TYR C 48 4.10 -26.12 34.35
N ARG C 49 5.37 -25.92 34.72
CA ARG C 49 5.90 -26.15 36.06
C ARG C 49 6.35 -24.82 36.62
N MET C 50 6.04 -24.57 37.89
CA MET C 50 6.32 -23.25 38.47
C MET C 50 7.73 -23.15 39.03
N SER C 51 8.24 -21.91 39.05
CA SER C 51 9.42 -21.39 39.73
C SER C 51 8.97 -20.42 40.83
N PRO C 52 9.77 -20.26 41.89
CA PRO C 52 9.32 -19.45 43.03
C PRO C 52 8.92 -18.01 42.69
N SER C 53 9.31 -17.49 41.52
CA SER C 53 8.97 -16.12 41.13
C SER C 53 7.67 -16.01 40.34
N ASN C 54 6.71 -16.93 40.55
CA ASN C 54 5.44 -16.91 39.82
C ASN C 54 5.68 -16.90 38.30
N GLN C 55 6.81 -17.47 37.89
CA GLN C 55 7.23 -17.49 36.50
C GLN C 55 6.94 -18.84 35.87
N THR C 56 6.46 -18.80 34.64
CA THR C 56 6.00 -19.97 33.91
C THR C 56 7.14 -20.66 33.17
N ASP C 57 7.16 -21.99 33.26
CA ASP C 57 8.18 -22.83 32.64
C ASP C 57 7.47 -23.96 31.89
N LYS C 58 7.61 -23.99 30.57
CA LYS C 58 6.95 -25.00 29.75
C LYS C 58 7.66 -26.34 29.85
N LEU C 59 6.89 -27.39 30.15
CA LEU C 59 7.37 -28.77 30.22
C LEU C 59 7.06 -29.55 28.95
N ALA C 60 5.86 -29.37 28.40
CA ALA C 60 5.43 -30.03 27.18
C ALA C 60 4.15 -29.32 26.73
N ALA C 61 3.67 -29.70 25.56
CA ALA C 61 2.49 -29.05 25.01
C ALA C 61 1.82 -29.99 24.01
N PHE C 62 0.51 -29.81 23.82
CA PHE C 62 -0.21 -30.50 22.77
C PHE C 62 -0.94 -29.48 21.92
N PRO C 63 -0.78 -29.52 20.58
CA PRO C 63 0.11 -30.44 19.88
C PRO C 63 1.60 -30.12 20.12
N GLU C 64 2.46 -31.11 19.92
CA GLU C 64 3.87 -30.99 20.26
C GLU C 64 4.49 -29.73 19.66
N ASP C 65 5.40 -29.12 20.41
CA ASP C 65 6.17 -27.99 19.89
C ASP C 65 7.16 -28.51 18.86
N ARG C 66 7.00 -28.05 17.61
CA ARG C 66 7.84 -28.50 16.52
C ARG C 66 9.16 -27.75 16.42
N SER C 67 9.35 -26.68 17.21
CA SER C 67 10.55 -25.88 17.07
C SER C 67 11.72 -26.47 17.86
N GLN C 68 11.52 -26.79 19.13
CA GLN C 68 12.59 -27.36 19.95
C GLN C 68 12.30 -28.83 20.21
N PRO C 69 12.78 -29.75 19.37
CA PRO C 69 12.55 -31.17 19.62
C PRO C 69 13.54 -31.74 20.63
N GLY C 70 13.59 -33.07 20.73
CA GLY C 70 14.41 -33.76 21.70
C GLY C 70 14.25 -33.21 23.11
N GLN C 71 13.01 -33.17 23.57
CA GLN C 71 12.67 -32.71 24.90
C GLN C 71 12.44 -33.90 25.83
N ASP C 72 12.32 -33.60 27.12
CA ASP C 72 12.28 -34.64 28.14
C ASP C 72 11.07 -35.53 27.94
N CYS C 73 11.33 -36.77 27.53
CA CYS C 73 10.29 -37.77 27.30
C CYS C 73 9.63 -38.25 28.59
N ARG C 74 10.03 -37.73 29.75
CA ARG C 74 9.36 -38.09 30.99
C ARG C 74 8.09 -37.29 31.20
N PHE C 75 7.97 -36.12 30.56
CA PHE C 75 6.77 -35.29 30.65
C PHE C 75 6.00 -35.43 29.35
N ARG C 76 4.88 -36.13 29.39
CA ARG C 76 4.10 -36.42 28.19
C ARG C 76 2.71 -35.81 28.30
N VAL C 77 2.15 -35.48 27.15
CA VAL C 77 0.80 -34.93 27.04
C VAL C 77 0.06 -35.74 25.98
N THR C 78 -0.98 -36.46 26.40
CA THR C 78 -1.80 -37.24 25.50
C THR C 78 -3.17 -36.59 25.36
N GLN C 79 -3.72 -36.65 24.15
CA GLN C 79 -5.05 -36.12 23.87
C GLN C 79 -6.04 -37.28 23.88
N LEU C 80 -6.90 -37.31 24.88
CA LEU C 80 -7.94 -38.31 24.94
C LEU C 80 -8.94 -38.06 23.81
N PRO C 81 -9.58 -39.11 23.30
CA PRO C 81 -10.42 -38.96 22.10
C PRO C 81 -11.82 -38.44 22.36
N ASN C 82 -12.11 -37.88 23.54
CA ASN C 82 -13.43 -37.34 23.76
C ASN C 82 -13.58 -35.92 23.26
N GLY C 83 -12.48 -35.25 22.92
CA GLY C 83 -12.54 -33.93 22.33
C GLY C 83 -12.32 -32.77 23.28
N ARG C 84 -11.95 -33.03 24.54
CA ARG C 84 -11.70 -31.94 25.48
C ARG C 84 -10.69 -32.29 26.56
N ASP C 85 -10.47 -33.58 26.81
CA ASP C 85 -9.64 -34.01 27.93
C ASP C 85 -8.22 -34.37 27.45
N PHE C 86 -7.26 -34.14 28.34
CA PHE C 86 -5.85 -34.37 28.06
C PHE C 86 -5.18 -34.93 29.30
N HIS C 87 -4.20 -35.81 29.09
CA HIS C 87 -3.46 -36.43 30.18
C HIS C 87 -2.04 -35.88 30.22
N MET C 88 -1.71 -35.17 31.30
CA MET C 88 -0.35 -34.70 31.55
C MET C 88 0.27 -35.62 32.61
N SER C 89 1.23 -36.44 32.19
CA SER C 89 1.79 -37.46 33.07
C SER C 89 3.30 -37.33 33.15
N VAL C 90 3.82 -37.44 34.37
CA VAL C 90 5.25 -37.56 34.63
C VAL C 90 5.55 -39.03 34.88
N VAL C 91 6.37 -39.63 34.02
CA VAL C 91 6.73 -41.03 34.18
C VAL C 91 7.98 -41.14 35.04
N ARG C 92 7.99 -42.12 35.95
CA ARG C 92 9.09 -42.36 36.87
C ARG C 92 9.52 -41.07 37.56
N ALA C 93 8.61 -40.55 38.37
CA ALA C 93 8.81 -39.27 39.02
C ALA C 93 9.95 -39.33 40.03
N ARG C 94 10.85 -38.34 39.96
CA ARG C 94 11.93 -38.20 40.91
C ARG C 94 11.49 -37.36 42.09
N ARG C 95 12.35 -37.27 43.10
CA ARG C 95 12.02 -36.45 44.26
C ARG C 95 11.86 -34.98 43.87
N ASN C 96 12.81 -34.46 43.10
CA ASN C 96 12.76 -33.04 42.72
C ASN C 96 11.67 -32.74 41.70
N ASP C 97 10.92 -33.75 41.24
CA ASP C 97 9.78 -33.50 40.38
C ASP C 97 8.59 -32.90 41.12
N SER C 98 8.62 -32.92 42.45
CA SER C 98 7.55 -32.33 43.24
C SER C 98 7.54 -30.81 43.09
N GLY C 99 6.34 -30.24 43.11
CA GLY C 99 6.20 -28.80 42.97
C GLY C 99 4.81 -28.44 42.50
N THR C 100 4.69 -27.21 42.00
CA THR C 100 3.42 -26.69 41.51
C THR C 100 3.34 -26.85 39.99
N TYR C 101 2.20 -27.34 39.51
CA TYR C 101 1.99 -27.60 38.09
C TYR C 101 0.65 -27.00 37.67
N LEU C 102 0.54 -26.72 36.37
CA LEU C 102 -0.72 -26.22 35.80
C LEU C 102 -0.68 -26.42 34.29
N CYS C 103 -1.83 -26.26 33.67
CA CYS C 103 -1.92 -26.26 32.22
C CYS C 103 -2.50 -24.93 31.76
N GLY C 104 -2.27 -24.61 30.48
CA GLY C 104 -2.73 -23.35 29.94
C GLY C 104 -3.12 -23.46 28.47
N ALA C 105 -4.30 -22.93 28.13
CA ALA C 105 -4.82 -22.97 26.78
C ALA C 105 -4.51 -21.67 26.05
N ILE C 106 -3.98 -21.78 24.84
CA ILE C 106 -3.72 -20.63 23.97
C ILE C 106 -4.58 -20.85 22.73
N SER C 107 -5.70 -20.13 22.64
CA SER C 107 -6.51 -20.19 21.44
C SER C 107 -5.93 -19.29 20.37
N LEU C 108 -6.07 -19.72 19.12
CA LEU C 108 -5.55 -18.96 17.98
C LEU C 108 -6.64 -18.41 17.07
N ALA C 109 -7.91 -18.78 17.31
CA ALA C 109 -9.04 -18.28 16.54
C ALA C 109 -10.27 -18.40 17.41
N PRO C 110 -11.22 -17.45 17.36
CA PRO C 110 -11.20 -16.26 16.50
C PRO C 110 -10.28 -15.15 17.04
N LYS C 111 -9.93 -15.23 18.32
CA LYS C 111 -9.04 -14.25 18.93
C LYS C 111 -7.94 -14.96 19.70
N ALA C 112 -6.69 -14.58 19.44
CA ALA C 112 -5.56 -15.16 20.15
C ALA C 112 -5.59 -14.71 21.60
N GLN C 113 -5.64 -15.67 22.51
CA GLN C 113 -5.82 -15.38 23.93
C GLN C 113 -5.37 -16.59 24.74
N ILE C 114 -4.64 -16.33 25.81
CA ILE C 114 -4.15 -17.38 26.71
C ILE C 114 -4.87 -17.27 28.04
N LYS C 115 -5.41 -18.40 28.51
CA LYS C 115 -6.00 -18.50 29.83
C LYS C 115 -5.36 -19.67 30.56
N GLU C 116 -4.97 -19.45 31.81
CA GLU C 116 -4.30 -20.46 32.61
C GLU C 116 -5.30 -21.18 33.49
N SER C 117 -5.00 -22.44 33.79
CA SER C 117 -5.79 -23.21 34.74
C SER C 117 -5.37 -22.88 36.17
N LEU C 118 -6.20 -23.29 37.12
CA LEU C 118 -5.80 -23.20 38.52
C LEU C 118 -4.63 -24.14 38.79
N ARG C 119 -3.83 -23.80 39.78
CA ARG C 119 -2.61 -24.56 40.01
C ARG C 119 -2.89 -25.80 40.86
N ALA C 120 -1.99 -26.77 40.74
CA ALA C 120 -2.06 -28.01 41.50
C ALA C 120 -0.67 -28.35 42.00
N GLU C 121 -0.60 -29.30 42.92
CA GLU C 121 0.65 -29.65 43.58
C GLU C 121 0.98 -31.12 43.34
N LEU C 122 2.26 -31.44 43.40
CA LEU C 122 2.74 -32.81 43.33
C LEU C 122 3.78 -33.00 44.43
N ARG C 123 3.67 -34.12 45.14
CA ARG C 123 4.63 -34.47 46.18
C ARG C 123 5.14 -35.88 45.88
N VAL C 124 6.38 -35.98 45.46
CA VAL C 124 7.03 -37.27 45.31
C VAL C 124 7.80 -37.55 46.60
N THR C 125 7.53 -38.69 47.21
CA THR C 125 8.04 -39.02 48.54
C THR C 125 9.11 -40.10 48.45
N GLU C 126 9.56 -40.53 49.62
CA GLU C 126 10.63 -41.52 49.73
C GLU C 126 10.08 -42.95 49.82
N GLU D 1 -9.38 31.98 -9.04
CA GLU D 1 -9.52 30.70 -8.35
C GLU D 1 -8.59 29.66 -8.96
N VAL D 2 -7.84 28.97 -8.12
CA VAL D 2 -6.95 27.91 -8.59
C VAL D 2 -7.78 26.72 -9.07
N GLN D 3 -7.50 26.27 -10.30
CA GLN D 3 -8.23 25.17 -10.91
C GLN D 3 -7.25 24.20 -11.51
N LEU D 4 -7.41 22.91 -11.20
CA LEU D 4 -6.56 21.85 -11.71
C LEU D 4 -7.46 20.74 -12.24
N VAL D 5 -7.28 20.38 -13.51
CA VAL D 5 -8.11 19.39 -14.17
C VAL D 5 -7.19 18.34 -14.79
N GLU D 6 -7.37 17.08 -14.40
CA GLU D 6 -6.57 15.99 -14.91
C GLU D 6 -7.18 15.40 -16.18
N SER D 7 -6.33 14.71 -16.95
CA SER D 7 -6.77 14.04 -18.16
C SER D 7 -5.77 12.93 -18.48
N GLY D 8 -6.26 11.93 -19.22
CA GLY D 8 -5.40 10.87 -19.71
C GLY D 8 -5.44 9.57 -18.94
N GLY D 9 -6.30 9.45 -17.93
CA GLY D 9 -6.45 8.19 -17.23
C GLY D 9 -7.11 7.14 -18.10
N GLY D 10 -7.30 5.97 -17.52
CA GLY D 10 -7.99 4.90 -18.20
C GLY D 10 -7.38 3.56 -17.85
N LEU D 11 -7.72 2.56 -18.67
CA LEU D 11 -7.31 1.18 -18.45
C LEU D 11 -6.08 0.87 -19.30
N VAL D 12 -5.18 0.06 -18.74
CA VAL D 12 -3.99 -0.38 -19.45
C VAL D 12 -3.59 -1.75 -18.90
N LYS D 13 -3.05 -2.59 -19.78
CA LYS D 13 -2.59 -3.90 -19.35
C LYS D 13 -1.23 -3.78 -18.65
N PRO D 14 -0.92 -4.69 -17.74
CA PRO D 14 0.36 -4.62 -17.01
C PRO D 14 1.54 -4.51 -17.97
N GLY D 15 2.49 -3.65 -17.61
CA GLY D 15 3.63 -3.36 -18.46
C GLY D 15 3.43 -2.21 -19.41
N GLY D 16 2.18 -1.84 -19.68
CA GLY D 16 1.92 -0.77 -20.63
C GLY D 16 2.30 0.59 -20.09
N SER D 17 2.20 1.58 -20.97
CA SER D 17 2.51 2.96 -20.64
C SER D 17 1.24 3.80 -20.63
N LEU D 18 1.35 4.97 -20.02
CA LEU D 18 0.22 5.89 -19.94
C LEU D 18 0.77 7.26 -19.55
N ARG D 19 0.22 8.31 -20.17
CA ARG D 19 0.63 9.68 -19.89
C ARG D 19 -0.56 10.48 -19.37
N LEU D 20 -0.39 11.11 -18.22
CA LEU D 20 -1.42 11.93 -17.60
C LEU D 20 -1.14 13.40 -17.86
N SER D 21 -2.21 14.18 -18.04
CA SER D 21 -2.13 15.63 -18.22
C SER D 21 -2.84 16.30 -17.06
N CYS D 22 -2.45 17.55 -16.79
CA CYS D 22 -3.08 18.36 -15.76
C CYS D 22 -3.08 19.81 -16.24
N ALA D 23 -4.24 20.33 -16.59
CA ALA D 23 -4.37 21.72 -16.99
C ALA D 23 -4.58 22.59 -15.76
N ALA D 24 -3.83 23.69 -15.69
CA ALA D 24 -3.85 24.55 -14.51
C ALA D 24 -4.25 25.96 -14.92
N SER D 25 -4.93 26.65 -14.00
CA SER D 25 -5.32 28.03 -14.20
C SER D 25 -5.52 28.69 -12.85
N GLY D 26 -5.59 30.01 -12.87
CA GLY D 26 -5.84 30.80 -11.67
C GLY D 26 -4.59 31.31 -11.01
N PHE D 27 -3.41 31.01 -11.55
CA PHE D 27 -2.17 31.45 -10.95
C PHE D 27 -1.07 31.38 -12.00
N THR D 28 0.04 32.06 -11.70
CA THR D 28 1.21 32.03 -12.57
C THR D 28 1.87 30.67 -12.49
N PHE D 29 1.51 29.77 -13.41
CA PHE D 29 1.89 28.36 -13.33
C PHE D 29 3.39 28.17 -13.16
N SER D 30 4.20 28.97 -13.86
CA SER D 30 5.64 28.75 -13.94
C SER D 30 6.40 29.12 -12.66
N SER D 31 5.74 29.66 -11.64
CA SER D 31 6.41 30.05 -10.40
C SER D 31 6.15 29.10 -9.24
N TYR D 32 5.33 28.06 -9.43
CA TYR D 32 4.93 27.20 -8.33
C TYR D 32 5.31 25.75 -8.59
N ASP D 33 5.48 25.01 -7.50
CA ASP D 33 5.72 23.57 -7.60
C ASP D 33 4.46 22.87 -8.08
N MET D 34 4.65 21.75 -8.77
CA MET D 34 3.54 20.91 -9.18
C MET D 34 3.85 19.46 -8.80
N SER D 35 2.81 18.71 -8.46
CA SER D 35 2.99 17.38 -7.90
C SER D 35 1.90 16.44 -8.40
N TRP D 36 2.15 15.14 -8.22
CA TRP D 36 1.15 14.11 -8.41
C TRP D 36 1.05 13.30 -7.12
N VAL D 37 -0.18 13.12 -6.64
CA VAL D 37 -0.45 12.29 -5.47
C VAL D 37 -1.53 11.29 -5.86
N ARG D 38 -1.27 10.01 -5.62
CA ARG D 38 -2.21 8.96 -5.99
C ARG D 38 -2.84 8.35 -4.75
N GLN D 39 -3.92 7.60 -4.98
CA GLN D 39 -4.64 6.94 -3.89
C GLN D 39 -5.29 5.68 -4.44
N ALA D 40 -4.84 4.53 -3.96
CA ALA D 40 -5.46 3.27 -4.33
C ALA D 40 -6.89 3.21 -3.77
N PRO D 41 -7.80 2.52 -4.45
CA PRO D 41 -9.19 2.44 -3.98
C PRO D 41 -9.28 1.88 -2.57
N GLY D 42 -9.88 2.65 -1.67
CA GLY D 42 -10.01 2.23 -0.30
C GLY D 42 -8.73 2.31 0.50
N LYS D 43 -7.70 2.96 -0.02
CA LYS D 43 -6.40 3.08 0.63
C LYS D 43 -6.12 4.56 0.90
N GLY D 44 -4.86 4.84 1.28
CA GLY D 44 -4.46 6.17 1.67
C GLY D 44 -3.81 6.94 0.54
N LEU D 45 -3.27 8.11 0.90
CA LEU D 45 -2.61 8.98 -0.05
C LEU D 45 -1.12 8.67 -0.10
N GLU D 46 -0.55 8.72 -1.31
CA GLU D 46 0.86 8.44 -1.52
C GLU D 46 1.42 9.44 -2.52
N TRP D 47 2.44 10.20 -2.09
CA TRP D 47 3.07 11.17 -2.97
C TRP D 47 3.82 10.46 -4.09
N VAL D 48 3.64 10.93 -5.33
CA VAL D 48 4.16 10.26 -6.51
C VAL D 48 5.33 11.02 -7.14
N ALA D 49 5.23 12.34 -7.27
CA ALA D 49 6.29 13.11 -7.91
C ALA D 49 6.07 14.59 -7.64
N THR D 50 7.15 15.35 -7.78
CA THR D 50 7.11 16.80 -7.66
C THR D 50 8.07 17.40 -8.68
N ILE D 51 7.70 18.56 -9.21
CA ILE D 51 8.55 19.30 -10.13
C ILE D 51 8.52 20.77 -9.72
N SER D 52 9.68 21.42 -9.80
CA SER D 52 9.77 22.83 -9.47
C SER D 52 9.17 23.68 -10.58
N GLY D 53 8.92 24.95 -10.25
CA GLY D 53 8.34 25.85 -11.24
C GLY D 53 9.19 25.99 -12.48
N GLY D 54 10.48 26.28 -12.29
CA GLY D 54 11.40 26.38 -13.42
C GLY D 54 11.57 25.08 -14.19
N GLY D 55 11.30 23.94 -13.55
CA GLY D 55 11.36 22.66 -14.22
C GLY D 55 12.70 21.97 -14.19
N SER D 56 13.67 22.49 -13.43
CA SER D 56 15.00 21.90 -13.37
C SER D 56 15.19 20.96 -12.18
N TYR D 57 14.24 20.89 -11.27
CA TYR D 57 14.28 19.97 -10.14
C TYR D 57 13.07 19.04 -10.18
N THR D 58 13.31 17.72 -10.12
CA THR D 58 12.24 16.75 -10.01
C THR D 58 12.55 15.81 -8.84
N TYR D 59 11.48 15.38 -8.15
CA TYR D 59 11.62 14.56 -6.95
C TYR D 59 10.64 13.39 -7.02
N TYR D 60 11.11 12.18 -6.72
CA TYR D 60 10.32 10.96 -6.80
C TYR D 60 10.58 10.08 -5.58
N PRO D 61 9.62 9.25 -5.18
CA PRO D 61 9.90 8.18 -4.23
C PRO D 61 10.46 6.97 -4.96
N ASP D 62 10.98 6.01 -4.18
CA ASP D 62 11.62 4.85 -4.76
C ASP D 62 10.63 3.95 -5.51
N SER D 63 9.35 3.98 -5.15
CA SER D 63 8.40 3.07 -5.76
C SER D 63 8.16 3.39 -7.23
N VAL D 64 8.45 4.62 -7.67
CA VAL D 64 8.16 5.00 -9.05
C VAL D 64 9.40 5.55 -9.75
N LYS D 65 10.49 5.75 -9.01
CA LYS D 65 11.69 6.32 -9.62
C LYS D 65 12.22 5.39 -10.71
N GLY D 66 12.52 5.97 -11.87
CA GLY D 66 12.93 5.21 -13.02
C GLY D 66 11.80 4.74 -13.90
N ARG D 67 10.58 4.69 -13.37
CA ARG D 67 9.40 4.33 -14.15
C ARG D 67 8.55 5.54 -14.50
N PHE D 68 8.26 6.40 -13.51
CA PHE D 68 7.42 7.57 -13.72
C PHE D 68 8.29 8.79 -13.97
N THR D 69 7.83 9.66 -14.87
CA THR D 69 8.56 10.86 -15.23
C THR D 69 7.61 12.04 -15.20
N ILE D 70 7.87 12.99 -14.31
CA ILE D 70 7.07 14.20 -14.21
C ILE D 70 7.75 15.31 -15.01
N SER D 71 6.96 16.03 -15.79
CA SER D 71 7.45 17.10 -16.65
C SER D 71 6.38 18.17 -16.76
N ARG D 72 6.77 19.34 -17.26
CA ARG D 72 5.82 20.44 -17.33
C ARG D 72 6.11 21.29 -18.57
N ASP D 73 5.08 22.02 -18.99
CA ASP D 73 5.14 22.96 -20.11
C ASP D 73 4.62 24.30 -19.61
N ASN D 74 5.53 25.21 -19.26
CA ASN D 74 5.10 26.47 -18.67
C ASN D 74 4.42 27.37 -19.70
N ALA D 75 4.73 27.19 -20.99
CA ALA D 75 4.06 27.96 -22.02
C ALA D 75 2.61 27.52 -22.23
N LYS D 76 2.26 26.30 -21.82
CA LYS D 76 0.92 25.76 -22.03
C LYS D 76 0.14 25.56 -20.74
N ASN D 77 0.68 26.00 -19.59
CA ASN D 77 0.00 25.87 -18.29
C ASN D 77 -0.45 24.44 -18.02
N SER D 78 0.45 23.47 -18.23
CA SER D 78 0.05 22.09 -18.08
C SER D 78 1.19 21.27 -17.46
N LEU D 79 0.79 20.20 -16.76
CA LEU D 79 1.67 19.27 -16.09
C LEU D 79 1.46 17.88 -16.66
N TYR D 80 2.51 17.07 -16.65
CA TYR D 80 2.47 15.73 -17.24
C TYR D 80 3.10 14.71 -16.31
N LEU D 81 2.61 13.48 -16.41
CA LEU D 81 3.24 12.33 -15.73
C LEU D 81 3.28 11.17 -16.72
N GLN D 82 4.49 10.76 -17.10
CA GLN D 82 4.70 9.63 -17.98
C GLN D 82 4.91 8.38 -17.13
N MET D 83 4.02 7.40 -17.28
CA MET D 83 4.02 6.18 -16.45
C MET D 83 4.32 4.97 -17.33
N ASN D 84 5.52 4.40 -17.17
CA ASN D 84 5.91 3.20 -17.88
C ASN D 84 5.94 2.00 -16.94
N SER D 85 5.82 0.81 -17.52
CA SER D 85 5.94 -0.46 -16.82
C SER D 85 5.00 -0.52 -15.61
N LEU D 86 3.72 -0.33 -15.89
CA LEU D 86 2.71 -0.24 -14.85
C LEU D 86 2.40 -1.62 -14.29
N ARG D 87 2.26 -1.71 -12.97
CA ARG D 87 1.90 -2.93 -12.28
C ARG D 87 0.50 -2.78 -11.69
N ALA D 88 -0.01 -3.87 -11.11
CA ALA D 88 -1.35 -3.85 -10.55
C ALA D 88 -1.42 -2.94 -9.32
N GLU D 89 -0.32 -2.83 -8.57
CA GLU D 89 -0.31 -1.92 -7.42
C GLU D 89 -0.22 -0.46 -7.84
N ASP D 90 -0.19 -0.16 -9.13
CA ASP D 90 -0.28 1.21 -9.61
C ASP D 90 -1.72 1.66 -9.78
N THR D 91 -2.68 0.75 -9.67
CA THR D 91 -4.10 1.08 -9.81
C THR D 91 -4.51 2.05 -8.71
N ALA D 92 -4.89 3.27 -9.09
CA ALA D 92 -5.20 4.31 -8.11
C ALA D 92 -5.81 5.52 -8.83
N VAL D 93 -6.41 6.38 -8.03
CA VAL D 93 -6.82 7.70 -8.50
C VAL D 93 -5.61 8.63 -8.40
N TYR D 94 -5.26 9.27 -9.52
CA TYR D 94 -4.10 10.15 -9.57
C TYR D 94 -4.58 11.60 -9.53
N TYR D 95 -4.25 12.30 -8.44
CA TYR D 95 -4.53 13.72 -8.28
C TYR D 95 -3.29 14.52 -8.68
N CYS D 96 -3.47 15.48 -9.58
CA CYS D 96 -2.44 16.50 -9.71
C CYS D 96 -2.66 17.59 -8.67
N ALA D 97 -1.56 18.22 -8.26
CA ALA D 97 -1.62 19.13 -7.13
C ALA D 97 -0.55 20.21 -7.29
N SER D 98 -0.62 21.21 -6.41
CA SER D 98 0.32 22.32 -6.43
C SER D 98 0.68 22.68 -4.99
N PRO D 99 1.84 22.24 -4.50
CA PRO D 99 2.22 22.55 -3.11
C PRO D 99 2.95 23.87 -2.99
N ASP D 100 2.80 24.47 -1.81
CA ASP D 100 3.50 25.70 -1.46
C ASP D 100 3.91 25.58 0.01
N SER D 101 4.30 26.70 0.61
CA SER D 101 4.66 26.71 2.02
C SER D 101 3.55 26.15 2.91
N SER D 102 2.30 26.19 2.47
CA SER D 102 1.18 25.66 3.25
C SER D 102 0.92 24.17 2.99
N GLY D 103 1.84 23.47 2.33
CA GLY D 103 1.62 22.06 2.05
C GLY D 103 0.98 21.86 0.69
N VAL D 104 0.25 20.76 0.52
CA VAL D 104 -0.44 20.48 -0.74
C VAL D 104 -1.77 21.21 -0.66
N ALA D 105 -1.75 22.50 -1.04
CA ALA D 105 -2.90 23.36 -0.80
C ALA D 105 -3.98 23.24 -1.87
N TYR D 106 -3.62 22.82 -3.09
CA TYR D 106 -4.57 22.82 -4.20
C TYR D 106 -4.52 21.45 -4.88
N TRP D 107 -5.68 20.80 -4.97
CA TRP D 107 -5.83 19.49 -5.56
C TRP D 107 -6.79 19.55 -6.73
N GLY D 108 -6.51 18.75 -7.76
CA GLY D 108 -7.46 18.54 -8.83
C GLY D 108 -8.52 17.53 -8.45
N GLN D 109 -9.38 17.22 -9.41
CA GLN D 109 -10.47 16.27 -9.17
C GLN D 109 -9.96 14.84 -9.14
N GLY D 110 -8.83 14.56 -9.79
CA GLY D 110 -8.28 13.23 -9.82
C GLY D 110 -8.79 12.39 -10.98
N THR D 111 -7.90 11.68 -11.64
CA THR D 111 -8.26 10.78 -12.74
C THR D 111 -7.87 9.36 -12.38
N LEU D 112 -8.72 8.40 -12.75
CA LEU D 112 -8.52 7.01 -12.37
C LEU D 112 -7.62 6.29 -13.38
N VAL D 113 -6.63 5.57 -12.88
CA VAL D 113 -5.77 4.71 -13.69
C VAL D 113 -5.94 3.28 -13.17
N THR D 114 -6.37 2.38 -14.05
CA THR D 114 -6.58 0.98 -13.71
C THR D 114 -5.60 0.12 -14.51
N VAL D 115 -4.92 -0.79 -13.81
CA VAL D 115 -3.97 -1.70 -14.43
C VAL D 115 -4.51 -3.11 -14.22
N SER D 116 -4.92 -3.75 -15.31
CA SER D 116 -5.50 -5.09 -15.24
C SER D 116 -5.47 -5.72 -16.62
N SER D 117 -5.59 -7.05 -16.62
CA SER D 117 -5.65 -7.80 -17.88
C SER D 117 -7.04 -7.78 -18.51
N ALA D 118 -8.07 -7.46 -17.74
CA ALA D 118 -9.44 -7.48 -18.24
C ALA D 118 -9.63 -6.48 -19.38
N SER D 119 -10.74 -6.65 -20.10
CA SER D 119 -11.07 -5.83 -21.26
C SER D 119 -12.24 -4.89 -20.96
N THR D 120 -12.22 -3.74 -21.62
CA THR D 120 -13.27 -2.74 -21.45
C THR D 120 -14.62 -3.30 -21.90
N LYS D 121 -15.61 -3.28 -20.99
CA LYS D 121 -16.92 -3.84 -21.26
C LYS D 121 -18.00 -2.90 -20.73
N GLY D 122 -18.94 -2.54 -21.61
CA GLY D 122 -20.06 -1.71 -21.24
C GLY D 122 -20.99 -2.39 -20.26
N PRO D 123 -21.71 -1.60 -19.47
CA PRO D 123 -22.60 -2.17 -18.45
C PRO D 123 -23.93 -2.64 -19.02
N SER D 124 -24.52 -3.58 -18.30
CA SER D 124 -25.90 -3.99 -18.53
C SER D 124 -26.76 -3.40 -17.43
N VAL D 125 -27.81 -2.68 -17.81
CA VAL D 125 -28.65 -1.94 -16.86
C VAL D 125 -29.99 -2.64 -16.72
N PHE D 126 -30.27 -3.15 -15.53
CA PHE D 126 -31.53 -3.83 -15.27
C PHE D 126 -32.33 -3.09 -14.20
N PRO D 127 -33.65 -3.06 -14.32
CA PRO D 127 -34.47 -2.29 -13.38
C PRO D 127 -34.79 -3.06 -12.11
N LEU D 128 -34.68 -2.36 -10.99
CA LEU D 128 -35.14 -2.87 -9.68
C LEU D 128 -36.53 -2.30 -9.46
N ALA D 129 -37.55 -3.03 -9.93
CA ALA D 129 -38.90 -2.51 -9.97
C ALA D 129 -39.51 -2.47 -8.58
N PRO D 130 -40.29 -1.43 -8.25
CA PRO D 130 -41.01 -1.40 -6.98
C PRO D 130 -42.21 -2.32 -7.02
N SER D 131 -42.53 -2.89 -5.86
CA SER D 131 -43.58 -3.89 -5.76
C SER D 131 -44.12 -3.90 -4.35
N SER D 132 -45.05 -4.82 -4.07
CA SER D 132 -45.60 -4.94 -2.73
C SER D 132 -44.54 -5.39 -1.72
N LYS D 133 -43.55 -6.17 -2.18
CA LYS D 133 -42.44 -6.58 -1.34
C LYS D 133 -41.36 -5.51 -1.26
N SER D 134 -41.52 -4.41 -1.99
CA SER D 134 -40.64 -3.25 -1.93
C SER D 134 -41.41 -2.00 -1.50
N THR D 135 -42.45 -2.20 -0.68
CA THR D 135 -43.28 -1.13 -0.13
C THR D 135 -43.36 -1.31 1.39
N SER D 136 -43.38 -0.18 2.10
CA SER D 136 -43.41 -0.22 3.56
C SER D 136 -43.87 1.16 4.06
N GLY D 137 -45.16 1.28 4.33
CA GLY D 137 -45.67 2.49 4.96
C GLY D 137 -45.98 3.62 4.00
N GLY D 138 -46.32 3.30 2.75
CA GLY D 138 -46.53 4.31 1.74
C GLY D 138 -45.29 4.70 0.97
N THR D 139 -44.12 4.21 1.38
CA THR D 139 -42.86 4.51 0.70
C THR D 139 -42.42 3.29 -0.07
N ALA D 140 -42.15 3.47 -1.35
CA ALA D 140 -41.66 2.40 -2.22
C ALA D 140 -40.23 2.69 -2.64
N ALA D 141 -39.42 1.65 -2.75
CA ALA D 141 -38.04 1.76 -3.20
C ALA D 141 -37.93 1.18 -4.60
N LEU D 142 -37.28 1.92 -5.49
CA LEU D 142 -36.97 1.43 -6.83
C LEU D 142 -35.51 1.75 -7.11
N GLY D 143 -34.98 1.16 -8.16
CA GLY D 143 -33.59 1.40 -8.44
C GLY D 143 -33.12 0.78 -9.75
N CYS D 144 -31.81 0.76 -9.89
CA CYS D 144 -31.14 0.28 -11.10
C CYS D 144 -29.99 -0.64 -10.71
N LEU D 145 -29.89 -1.77 -11.42
CA LEU D 145 -28.79 -2.70 -11.25
C LEU D 145 -27.84 -2.55 -12.44
N VAL D 146 -26.68 -1.94 -12.23
CA VAL D 146 -25.67 -1.75 -13.25
C VAL D 146 -24.64 -2.88 -13.09
N LYS D 147 -24.77 -3.91 -13.93
CA LYS D 147 -24.03 -5.16 -13.79
C LYS D 147 -23.06 -5.38 -14.94
N ASP D 148 -21.91 -5.99 -14.62
CA ASP D 148 -20.96 -6.53 -15.59
C ASP D 148 -20.39 -5.42 -16.48
N TYR D 149 -19.64 -4.52 -15.85
CA TYR D 149 -18.91 -3.50 -16.57
C TYR D 149 -17.46 -3.48 -16.11
N PHE D 150 -16.61 -2.89 -16.94
CA PHE D 150 -15.19 -2.75 -16.66
C PHE D 150 -14.59 -1.75 -17.64
N PRO D 151 -13.75 -0.83 -17.18
CA PRO D 151 -13.42 -0.65 -15.76
C PRO D 151 -14.30 0.39 -15.11
N GLU D 152 -13.91 0.81 -13.91
CA GLU D 152 -14.54 1.96 -13.27
C GLU D 152 -14.17 3.23 -14.04
N PRO D 153 -14.97 4.30 -13.90
CA PRO D 153 -16.20 4.42 -13.11
C PRO D 153 -17.47 4.52 -13.94
N VAL D 154 -18.61 4.30 -13.30
CA VAL D 154 -19.90 4.62 -13.86
C VAL D 154 -20.50 5.77 -13.07
N THR D 155 -21.37 6.53 -13.72
CA THR D 155 -22.11 7.60 -13.07
C THR D 155 -23.60 7.37 -13.30
N VAL D 156 -24.37 7.45 -12.22
CA VAL D 156 -25.80 7.19 -12.25
C VAL D 156 -26.54 8.42 -11.74
N SER D 157 -27.45 8.96 -12.55
CA SER D 157 -28.36 10.01 -12.14
C SER D 157 -29.79 9.55 -12.40
N TRP D 158 -30.75 10.29 -11.86
CA TRP D 158 -32.16 9.95 -11.99
C TRP D 158 -32.94 11.13 -12.55
N ASN D 159 -33.78 10.86 -13.54
CA ASN D 159 -34.58 11.89 -14.21
C ASN D 159 -33.71 13.07 -14.65
N SER D 160 -32.56 12.74 -15.24
CA SER D 160 -31.63 13.74 -15.77
C SER D 160 -31.22 14.74 -14.70
N GLY D 161 -31.00 14.25 -13.48
CA GLY D 161 -30.60 15.09 -12.36
C GLY D 161 -31.73 15.73 -11.61
N ALA D 162 -32.97 15.60 -12.08
CA ALA D 162 -34.10 16.18 -11.35
C ALA D 162 -34.30 15.53 -9.99
N LEU D 163 -34.28 14.20 -9.96
CA LEU D 163 -34.41 13.46 -8.71
C LEU D 163 -33.02 13.25 -8.12
N THR D 164 -32.80 13.80 -6.92
CA THR D 164 -31.53 13.65 -6.22
C THR D 164 -31.74 13.30 -4.76
N SER D 165 -32.86 13.74 -4.19
CA SER D 165 -33.13 13.51 -2.78
C SER D 165 -33.50 12.05 -2.54
N GLY D 166 -32.82 11.41 -1.60
CA GLY D 166 -33.10 10.02 -1.29
C GLY D 166 -32.45 9.04 -2.22
N VAL D 167 -31.46 9.45 -3.00
CA VAL D 167 -30.77 8.57 -3.93
C VAL D 167 -29.57 7.95 -3.21
N HIS D 168 -29.36 6.65 -3.44
CA HIS D 168 -28.21 5.93 -2.90
C HIS D 168 -27.58 5.12 -4.02
N THR D 169 -26.44 5.57 -4.53
CA THR D 169 -25.65 4.81 -5.50
C THR D 169 -24.53 4.14 -4.72
N PHE D 170 -24.61 2.82 -4.60
CA PHE D 170 -23.68 2.10 -3.74
C PHE D 170 -22.28 2.04 -4.36
N PRO D 171 -21.25 1.81 -3.52
CA PRO D 171 -19.93 1.54 -4.06
C PRO D 171 -19.92 0.23 -4.83
N ALA D 172 -19.30 0.25 -6.01
CA ALA D 172 -19.27 -0.94 -6.85
C ALA D 172 -18.36 -2.00 -6.24
N VAL D 173 -18.83 -3.24 -6.23
CA VAL D 173 -18.03 -4.36 -5.76
C VAL D 173 -17.54 -5.15 -6.97
N LEU D 174 -16.39 -5.79 -6.81
CA LEU D 174 -15.79 -6.59 -7.87
C LEU D 174 -16.30 -8.01 -7.75
N GLN D 175 -17.04 -8.46 -8.76
CA GLN D 175 -17.66 -9.78 -8.70
C GLN D 175 -16.62 -10.88 -8.89
N SER D 176 -17.03 -12.12 -8.63
CA SER D 176 -16.15 -13.25 -8.89
C SER D 176 -15.80 -13.35 -10.38
N SER D 177 -16.67 -12.83 -11.25
CA SER D 177 -16.36 -12.83 -12.67
C SER D 177 -15.26 -11.84 -13.03
N GLY D 178 -14.80 -11.02 -12.09
CA GLY D 178 -13.84 -10.00 -12.39
C GLY D 178 -14.41 -8.71 -12.95
N LEU D 179 -15.73 -8.55 -12.93
CA LEU D 179 -16.38 -7.34 -13.41
C LEU D 179 -17.06 -6.62 -12.26
N TYR D 180 -17.29 -5.33 -12.45
CA TYR D 180 -17.92 -4.52 -11.42
C TYR D 180 -19.43 -4.57 -11.54
N SER D 181 -20.09 -4.53 -10.38
CA SER D 181 -21.54 -4.48 -10.29
C SER D 181 -21.93 -3.42 -9.27
N LEU D 182 -23.11 -2.83 -9.47
CA LEU D 182 -23.49 -1.63 -8.76
C LEU D 182 -25.01 -1.55 -8.70
N SER D 183 -25.51 -0.95 -7.63
CA SER D 183 -26.93 -0.67 -7.49
C SER D 183 -27.12 0.80 -7.14
N SER D 184 -28.12 1.41 -7.75
CA SER D 184 -28.50 2.79 -7.47
C SER D 184 -29.98 2.78 -7.13
N VAL D 185 -30.30 3.08 -5.87
CA VAL D 185 -31.68 2.99 -5.40
C VAL D 185 -32.16 4.37 -4.96
N VAL D 186 -33.49 4.51 -4.94
CA VAL D 186 -34.15 5.73 -4.50
C VAL D 186 -35.50 5.35 -3.91
N THR D 187 -35.92 6.06 -2.87
CA THR D 187 -37.19 5.84 -2.21
C THR D 187 -38.16 6.96 -2.56
N VAL D 188 -39.36 6.59 -3.00
CA VAL D 188 -40.38 7.55 -3.39
C VAL D 188 -41.73 7.12 -2.82
N PRO D 189 -42.69 8.04 -2.76
CA PRO D 189 -44.05 7.64 -2.37
C PRO D 189 -44.63 6.64 -3.35
N SER D 190 -45.37 5.66 -2.81
CA SER D 190 -45.99 4.65 -3.66
C SER D 190 -46.97 5.28 -4.65
N SER D 191 -47.68 6.32 -4.21
CA SER D 191 -48.63 7.04 -5.05
C SER D 191 -47.95 7.89 -6.12
N SER D 192 -46.61 7.90 -6.17
CA SER D 192 -45.90 8.54 -7.26
C SER D 192 -45.79 7.64 -8.48
N LEU D 193 -45.88 6.33 -8.27
CA LEU D 193 -45.57 5.38 -9.34
C LEU D 193 -46.55 5.50 -10.50
N GLY D 194 -47.75 6.01 -10.24
CA GLY D 194 -48.73 6.14 -11.29
C GLY D 194 -48.61 7.43 -12.06
N THR D 195 -48.14 8.49 -11.42
CA THR D 195 -48.08 9.81 -12.03
C THR D 195 -46.67 10.25 -12.38
N GLN D 196 -45.66 9.79 -11.65
CA GLN D 196 -44.27 10.18 -11.87
C GLN D 196 -43.52 9.10 -12.62
N THR D 197 -42.84 9.49 -13.70
CA THR D 197 -41.97 8.60 -14.44
C THR D 197 -40.57 8.66 -13.85
N TYR D 198 -39.99 7.49 -13.56
CA TYR D 198 -38.67 7.40 -12.95
C TYR D 198 -37.69 6.81 -13.96
N ILE D 199 -36.68 7.60 -14.33
CA ILE D 199 -35.78 7.27 -15.42
C ILE D 199 -34.35 7.19 -14.88
N CYS D 200 -33.67 6.11 -15.24
CA CYS D 200 -32.33 5.78 -14.79
C CYS D 200 -31.30 6.20 -15.83
N ASN D 201 -30.31 7.00 -15.43
CA ASN D 201 -29.28 7.50 -16.35
C ASN D 201 -27.93 6.91 -15.96
N VAL D 202 -27.47 5.92 -16.73
CA VAL D 202 -26.21 5.24 -16.49
C VAL D 202 -25.23 5.63 -17.59
N ASN D 203 -24.12 6.23 -17.21
CA ASN D 203 -23.08 6.63 -18.15
C ASN D 203 -21.78 5.92 -17.79
N HIS D 204 -21.16 5.28 -18.79
CA HIS D 204 -19.91 4.54 -18.62
C HIS D 204 -19.00 5.00 -19.75
N LYS D 205 -18.35 6.15 -19.54
CA LYS D 205 -17.54 6.76 -20.58
C LYS D 205 -16.38 5.89 -21.06
N PRO D 206 -15.72 5.06 -20.23
CA PRO D 206 -14.65 4.19 -20.76
C PRO D 206 -15.06 3.37 -21.98
N SER D 207 -16.31 2.93 -22.08
CA SER D 207 -16.81 2.27 -23.28
C SER D 207 -17.78 3.15 -24.05
N ASN D 208 -17.88 4.42 -23.68
CA ASN D 208 -18.79 5.40 -24.29
C ASN D 208 -20.21 4.84 -24.39
N THR D 209 -20.73 4.43 -23.24
CA THR D 209 -22.06 3.84 -23.15
C THR D 209 -22.99 4.78 -22.38
N LYS D 210 -24.14 5.09 -22.97
CA LYS D 210 -25.20 5.85 -22.32
C LYS D 210 -26.46 5.01 -22.37
N VAL D 211 -27.03 4.73 -21.21
CA VAL D 211 -28.23 3.91 -21.10
C VAL D 211 -29.26 4.67 -20.29
N ASP D 212 -30.46 4.79 -20.83
CA ASP D 212 -31.61 5.31 -20.11
C ASP D 212 -32.61 4.18 -19.92
N LYS D 213 -33.02 3.96 -18.68
CA LYS D 213 -33.89 2.85 -18.33
C LYS D 213 -35.04 3.37 -17.49
N LYS D 214 -36.26 3.27 -18.02
CA LYS D 214 -37.44 3.62 -17.24
C LYS D 214 -37.74 2.47 -16.29
N VAL D 215 -37.73 2.75 -14.99
CA VAL D 215 -38.12 1.77 -13.99
C VAL D 215 -39.62 1.89 -13.77
N GLU D 216 -40.34 0.81 -14.07
CA GLU D 216 -41.79 0.82 -13.96
C GLU D 216 -42.25 -0.20 -12.92
N PRO D 217 -43.30 0.13 -12.16
CA PRO D 217 -43.68 -0.74 -11.04
C PRO D 217 -44.24 -2.07 -11.50
N LYS D 218 -44.11 -3.07 -10.64
CA LYS D 218 -44.71 -4.37 -10.90
C LYS D 218 -46.17 -4.40 -10.47
N SER D 219 -46.97 -5.17 -11.21
CA SER D 219 -48.41 -5.27 -11.04
C SER D 219 -48.82 -5.97 -9.75
N CYS D 220 -47.90 -6.24 -8.83
CA CYS D 220 -48.25 -6.83 -7.54
C CYS D 220 -48.98 -5.79 -6.68
N ASP E 1 13.71 8.17 5.31
CA ASP E 1 12.27 7.93 5.19
C ASP E 1 11.57 8.19 6.51
N ILE E 2 10.66 9.15 6.54
CA ILE E 2 9.89 9.49 7.73
C ILE E 2 8.49 8.91 7.62
N VAL E 3 8.01 8.33 8.71
CA VAL E 3 6.73 7.62 8.74
C VAL E 3 5.75 8.36 9.62
N MET E 4 4.59 8.72 9.04
CA MET E 4 3.51 9.33 9.79
C MET E 4 2.56 8.24 10.28
N THR E 5 2.49 8.06 11.60
CA THR E 5 1.62 7.07 12.23
C THR E 5 0.44 7.80 12.85
N GLN E 6 -0.76 7.53 12.35
CA GLN E 6 -1.97 8.14 12.88
C GLN E 6 -2.61 7.24 13.94
N SER E 7 -3.36 7.88 14.84
CA SER E 7 -4.10 7.17 15.88
C SER E 7 -5.21 8.04 16.44
N PRO E 8 -6.45 7.55 16.50
CA PRO E 8 -6.77 6.21 16.00
C PRO E 8 -7.07 6.24 14.51
N LEU E 9 -7.48 5.12 13.94
CA LEU E 9 -7.91 5.09 12.55
C LEU E 9 -9.42 5.22 12.40
N SER E 10 -10.17 4.88 13.44
CA SER E 10 -11.62 5.10 13.49
C SER E 10 -11.93 5.94 14.71
N LEU E 11 -12.81 6.93 14.53
CA LEU E 11 -13.13 7.88 15.59
C LEU E 11 -14.62 8.12 15.63
N PRO E 12 -15.35 7.38 16.46
CA PRO E 12 -16.78 7.67 16.68
C PRO E 12 -16.95 8.78 17.70
N VAL E 13 -17.60 9.88 17.28
CA VAL E 13 -17.79 11.05 18.13
C VAL E 13 -19.22 11.54 17.97
N THR E 14 -19.88 11.83 19.09
CA THR E 14 -21.20 12.45 19.06
C THR E 14 -21.09 13.95 18.78
N PRO E 15 -22.05 14.52 18.05
CA PRO E 15 -22.00 15.95 17.76
C PRO E 15 -21.91 16.78 19.03
N GLY E 16 -21.17 17.89 18.95
CA GLY E 16 -20.92 18.76 20.07
C GLY E 16 -19.76 18.33 20.94
N GLU E 17 -19.45 17.03 20.97
CA GLU E 17 -18.31 16.53 21.72
C GLU E 17 -17.02 16.86 20.98
N PRO E 18 -15.95 17.19 21.69
CA PRO E 18 -14.66 17.42 21.01
C PRO E 18 -14.07 16.12 20.48
N ALA E 19 -13.40 16.23 19.35
CA ALA E 19 -12.66 15.12 18.77
C ALA E 19 -11.22 15.55 18.55
N SER E 20 -10.30 14.59 18.63
CA SER E 20 -8.89 14.89 18.47
C SER E 20 -8.18 13.70 17.85
N ILE E 21 -7.34 13.97 16.86
CA ILE E 21 -6.60 12.95 16.14
C ILE E 21 -5.12 13.22 16.32
N THR E 22 -4.36 12.19 16.66
CA THR E 22 -2.93 12.31 16.89
C THR E 22 -2.16 11.73 15.73
N CYS E 23 -1.03 12.37 15.42
CA CYS E 23 -0.13 11.96 14.35
C CYS E 23 1.28 12.08 14.89
N LYS E 24 2.08 11.01 14.73
CA LYS E 24 3.39 10.94 15.32
C LYS E 24 4.44 10.65 14.26
N ALA E 25 5.45 11.51 14.18
CA ALA E 25 6.50 11.40 13.17
C ALA E 25 7.62 10.50 13.66
N SER E 26 8.11 9.64 12.76
CA SER E 26 9.18 8.71 13.12
C SER E 26 10.50 9.44 13.39
N GLN E 27 10.61 10.70 12.99
CA GLN E 27 11.79 11.50 13.33
C GLN E 27 11.38 12.98 13.27
N ASP E 28 12.31 13.83 13.70
CA ASP E 28 12.02 15.26 13.80
C ASP E 28 11.63 15.85 12.45
N VAL E 29 10.47 16.48 12.40
CA VAL E 29 9.99 17.14 11.20
C VAL E 29 9.67 18.59 11.53
N GLU E 30 10.21 19.09 12.64
CA GLU E 30 9.95 20.43 13.13
C GLU E 30 8.45 20.68 13.25
N THR E 31 7.94 21.68 12.53
CA THR E 31 6.52 22.00 12.53
C THR E 31 5.92 21.93 11.12
N VAL E 32 6.59 21.21 10.22
CA VAL E 32 6.17 21.16 8.82
C VAL E 32 5.18 20.00 8.70
N VAL E 33 3.95 20.26 9.12
CA VAL E 33 2.89 19.26 9.15
C VAL E 33 1.58 19.89 8.67
N ALA E 34 0.87 19.17 7.81
CA ALA E 34 -0.42 19.59 7.28
C ALA E 34 -1.49 18.57 7.59
N TRP E 35 -2.72 19.05 7.76
CA TRP E 35 -3.87 18.21 8.01
C TRP E 35 -4.90 18.40 6.89
N TYR E 36 -5.41 17.30 6.36
CA TYR E 36 -6.39 17.34 5.29
C TYR E 36 -7.63 16.55 5.69
N LEU E 37 -8.78 16.97 5.16
CA LEU E 37 -10.03 16.25 5.27
C LEU E 37 -10.47 15.81 3.88
N GLN E 38 -10.90 14.56 3.75
CA GLN E 38 -11.39 14.03 2.49
C GLN E 38 -12.79 13.48 2.68
N LYS E 39 -13.80 14.21 2.19
CA LYS E 39 -15.18 13.74 2.18
C LYS E 39 -15.39 12.76 1.03
N PRO E 40 -16.30 11.79 1.21
CA PRO E 40 -16.41 10.70 0.23
C PRO E 40 -16.61 11.19 -1.20
N GLY E 41 -15.84 10.61 -2.11
CA GLY E 41 -15.93 10.98 -3.51
C GLY E 41 -15.39 12.35 -3.83
N GLN E 42 -14.51 12.90 -3.01
CA GLN E 42 -13.94 14.22 -3.26
C GLN E 42 -12.45 14.20 -2.98
N SER E 43 -11.78 15.24 -3.47
CA SER E 43 -10.35 15.37 -3.26
C SER E 43 -10.07 15.80 -1.83
N PRO E 44 -8.86 15.52 -1.34
CA PRO E 44 -8.48 16.04 -0.01
C PRO E 44 -8.54 17.56 -0.01
N ARG E 45 -8.77 18.12 1.17
CA ARG E 45 -8.89 19.58 1.30
C ARG E 45 -8.09 19.99 2.53
N LEU E 46 -7.21 20.97 2.34
CA LEU E 46 -6.30 21.38 3.40
C LEU E 46 -7.06 22.09 4.52
N LEU E 47 -6.83 21.65 5.75
CA LEU E 47 -7.41 22.26 6.94
C LEU E 47 -6.38 23.07 7.72
N ILE E 48 -5.29 22.44 8.14
CA ILE E 48 -4.26 23.07 8.95
C ILE E 48 -2.94 22.92 8.22
N TYR E 49 -2.12 23.97 8.26
CA TYR E 49 -0.78 23.89 7.72
C TYR E 49 0.21 24.49 8.72
N TRP E 50 1.48 24.13 8.52
CA TRP E 50 2.56 24.49 9.44
C TRP E 50 2.17 24.14 10.88
N ALA E 51 1.66 22.91 11.04
CA ALA E 51 1.30 22.29 12.31
C ALA E 51 0.13 22.96 13.02
N SER E 52 -0.07 24.27 12.84
CA SER E 52 -1.08 24.98 13.64
C SER E 52 -1.87 26.03 12.88
N THR E 53 -1.44 26.49 11.70
CA THR E 53 -2.11 27.60 11.03
C THR E 53 -3.31 27.13 10.23
N ARG E 54 -4.45 27.80 10.41
CA ARG E 54 -5.67 27.45 9.70
C ARG E 54 -5.63 27.97 8.26
N HIS E 55 -5.99 27.11 7.32
CA HIS E 55 -6.12 27.49 5.93
C HIS E 55 -7.33 28.41 5.74
N THR E 56 -7.30 29.16 4.64
CA THR E 56 -8.38 30.09 4.33
C THR E 56 -9.70 29.35 4.16
N GLY E 57 -10.72 29.80 4.91
CA GLY E 57 -12.05 29.24 4.79
C GLY E 57 -12.36 28.10 5.73
N VAL E 58 -11.37 27.61 6.46
CA VAL E 58 -11.61 26.52 7.42
C VAL E 58 -12.32 27.09 8.63
N PRO E 59 -13.42 26.49 9.08
CA PRO E 59 -14.10 26.98 10.29
C PRO E 59 -13.16 26.97 11.49
N ASP E 60 -13.43 27.88 12.43
CA ASP E 60 -12.55 28.04 13.59
C ASP E 60 -12.60 26.87 14.54
N ARG E 61 -13.58 25.96 14.40
CA ARG E 61 -13.62 24.80 15.28
C ARG E 61 -12.52 23.79 14.98
N PHE E 62 -11.82 23.94 13.86
CA PHE E 62 -10.63 23.14 13.57
C PHE E 62 -9.38 23.85 14.09
N SER E 63 -8.51 23.08 14.72
CA SER E 63 -7.24 23.62 15.19
C SER E 63 -6.19 22.51 15.17
N GLY E 64 -4.94 22.93 15.11
CA GLY E 64 -3.83 22.00 15.09
C GLY E 64 -2.74 22.49 16.02
N SER E 65 -2.04 21.53 16.61
CA SER E 65 -0.98 21.84 17.57
C SER E 65 0.09 20.77 17.47
N GLY E 66 1.20 21.02 18.12
CA GLY E 66 2.31 20.07 18.19
C GLY E 66 3.57 20.61 17.55
N SER E 67 4.66 19.92 17.86
CA SER E 67 5.98 20.24 17.31
C SER E 67 6.86 19.01 17.49
N GLY E 68 8.06 19.07 16.92
CA GLY E 68 8.93 17.91 16.95
C GLY E 68 8.37 16.71 16.21
N THR E 69 7.98 15.67 16.95
CA THR E 69 7.41 14.47 16.36
C THR E 69 5.94 14.24 16.68
N ASP E 70 5.34 15.02 17.58
CA ASP E 70 3.98 14.78 18.04
C ASP E 70 3.06 15.91 17.62
N PHE E 71 1.99 15.57 16.91
CA PHE E 71 1.07 16.56 16.35
C PHE E 71 -0.36 16.12 16.61
N THR E 72 -1.25 17.11 16.72
CA THR E 72 -2.64 16.85 17.09
C THR E 72 -3.56 17.80 16.36
N LEU E 73 -4.57 17.24 15.70
CA LEU E 73 -5.67 18.01 15.15
C LEU E 73 -6.84 17.93 16.11
N LYS E 74 -7.51 19.06 16.34
CA LYS E 74 -8.61 19.13 17.29
C LYS E 74 -9.83 19.77 16.64
N ILE E 75 -10.98 19.13 16.82
CA ILE E 75 -12.26 19.70 16.41
C ILE E 75 -13.06 19.93 17.68
N SER E 76 -13.29 21.20 18.02
CA SER E 76 -13.88 21.53 19.32
C SER E 76 -15.32 21.03 19.40
N ARG E 77 -16.10 21.20 18.35
CA ARG E 77 -17.50 20.78 18.33
C ARG E 77 -17.79 20.13 16.99
N VAL E 78 -17.90 18.80 16.99
CA VAL E 78 -18.02 18.05 15.74
C VAL E 78 -19.42 18.25 15.16
N GLU E 79 -19.49 18.82 13.97
CA GLU E 79 -20.74 18.92 13.24
C GLU E 79 -20.98 17.63 12.45
N ALA E 80 -22.19 17.49 11.91
CA ALA E 80 -22.51 16.33 11.08
C ALA E 80 -21.77 16.37 9.75
N GLU E 81 -21.38 17.56 9.28
CA GLU E 81 -20.70 17.72 8.00
C GLU E 81 -19.20 17.53 8.11
N ASP E 82 -18.72 16.94 9.21
CA ASP E 82 -17.31 16.65 9.39
C ASP E 82 -16.99 15.20 9.10
N VAL E 83 -17.97 14.42 8.64
CA VAL E 83 -17.71 13.02 8.32
C VAL E 83 -16.72 12.95 7.17
N GLY E 84 -15.78 12.02 7.29
CA GLY E 84 -14.77 11.85 6.27
C GLY E 84 -13.53 11.23 6.89
N VAL E 85 -12.46 11.20 6.11
CA VAL E 85 -11.16 10.69 6.52
C VAL E 85 -10.23 11.88 6.71
N TYR E 86 -9.54 11.92 7.85
CA TYR E 86 -8.57 12.97 8.14
C TYR E 86 -7.16 12.43 7.98
N TYR E 87 -6.34 13.12 7.20
CA TYR E 87 -4.96 12.74 6.95
C TYR E 87 -4.00 13.78 7.51
N CYS E 88 -2.90 13.31 8.08
CA CYS E 88 -1.76 14.16 8.39
C CYS E 88 -0.66 13.91 7.37
N GLN E 89 0.19 14.92 7.16
CA GLN E 89 1.26 14.83 6.19
C GLN E 89 2.42 15.68 6.65
N GLN E 90 3.64 15.15 6.50
CA GLN E 90 4.85 15.92 6.67
C GLN E 90 5.37 16.34 5.30
N TYR E 91 5.82 17.58 5.19
CA TYR E 91 6.48 18.06 3.99
C TYR E 91 7.79 18.75 4.34
N SER E 92 8.53 18.14 5.27
CA SER E 92 9.85 18.60 5.67
C SER E 92 10.95 18.02 4.78
N ARG E 93 10.92 16.71 4.55
CA ARG E 93 11.89 16.03 3.72
C ARG E 93 11.20 15.17 2.69
N TYR E 94 11.85 14.99 1.56
CA TYR E 94 11.33 14.02 0.63
C TYR E 94 11.78 12.61 1.06
N PRO E 95 10.93 11.59 0.88
CA PRO E 95 9.60 11.70 0.27
C PRO E 95 8.54 12.27 1.22
N TRP E 96 7.62 13.07 0.68
CA TRP E 96 6.47 13.51 1.45
C TRP E 96 5.60 12.31 1.78
N THR E 97 5.23 12.18 3.05
CA THR E 97 4.50 11.02 3.51
C THR E 97 3.26 11.45 4.26
N PHE E 98 2.15 10.75 4.02
CA PHE E 98 0.89 11.00 4.69
C PHE E 98 0.70 9.98 5.81
N GLY E 99 -0.27 10.25 6.67
CA GLY E 99 -0.73 9.24 7.59
C GLY E 99 -1.64 8.25 6.89
N GLN E 100 -1.97 7.18 7.60
CA GLN E 100 -2.80 6.14 7.01
C GLN E 100 -4.28 6.52 6.95
N GLY E 101 -4.69 7.56 7.64
CA GLY E 101 -6.07 8.02 7.57
C GLY E 101 -6.84 7.71 8.84
N THR E 102 -7.76 8.62 9.18
CA THR E 102 -8.65 8.46 10.32
C THR E 102 -10.07 8.79 9.90
N LYS E 103 -10.94 7.77 9.86
CA LYS E 103 -12.33 7.93 9.44
C LYS E 103 -13.16 8.38 10.63
N LEU E 104 -13.73 9.58 10.54
CA LEU E 104 -14.56 10.15 11.60
C LEU E 104 -16.03 9.85 11.34
N GLU E 105 -16.66 9.10 12.25
CA GLU E 105 -18.08 8.79 12.13
C GLU E 105 -18.86 9.43 13.27
N ILE E 106 -20.06 9.90 12.93
CA ILE E 106 -20.93 10.59 13.88
C ILE E 106 -21.76 9.59 14.66
N LYS E 107 -21.74 9.69 15.98
CA LYS E 107 -22.64 8.92 16.82
C LYS E 107 -23.98 9.63 16.90
N ARG E 108 -25.06 8.90 16.68
CA ARG E 108 -26.39 9.48 16.62
C ARG E 108 -27.39 8.49 17.18
N THR E 109 -28.66 8.89 17.18
CA THR E 109 -29.71 8.04 17.72
C THR E 109 -29.86 6.80 16.85
N VAL E 110 -30.12 5.66 17.49
CA VAL E 110 -30.28 4.41 16.76
C VAL E 110 -31.49 4.50 15.85
N ALA E 111 -31.28 4.20 14.57
CA ALA E 111 -32.33 4.18 13.56
C ALA E 111 -32.37 2.80 12.93
N ALA E 112 -33.55 2.20 12.91
CA ALA E 112 -33.70 0.89 12.29
C ALA E 112 -33.80 1.02 10.76
N PRO E 113 -33.30 0.04 10.03
CA PRO E 113 -33.34 0.12 8.56
C PRO E 113 -34.72 -0.15 8.00
N SER E 114 -34.97 0.45 6.84
CA SER E 114 -36.12 0.10 6.00
C SER E 114 -35.67 -0.96 5.00
N VAL E 115 -36.29 -2.14 5.04
CA VAL E 115 -35.86 -3.26 4.24
C VAL E 115 -36.73 -3.38 3.00
N PHE E 116 -36.11 -3.59 1.85
CA PHE E 116 -36.80 -3.82 0.58
C PHE E 116 -36.11 -4.96 -0.14
N ILE E 117 -36.88 -5.71 -0.93
CA ILE E 117 -36.35 -6.84 -1.69
C ILE E 117 -36.82 -6.72 -3.13
N PHE E 118 -35.94 -7.11 -4.06
CA PHE E 118 -36.19 -6.98 -5.49
C PHE E 118 -35.95 -8.31 -6.16
N PRO E 119 -36.96 -8.93 -6.76
CA PRO E 119 -36.73 -10.13 -7.56
C PRO E 119 -35.99 -9.78 -8.84
N PRO E 120 -35.35 -10.76 -9.49
CA PRO E 120 -34.64 -10.49 -10.74
C PRO E 120 -35.57 -9.96 -11.81
N SER E 121 -35.06 -9.04 -12.62
CA SER E 121 -35.86 -8.49 -13.71
C SER E 121 -36.04 -9.54 -14.81
N ASP E 122 -37.08 -9.36 -15.62
CA ASP E 122 -37.26 -10.20 -16.79
C ASP E 122 -36.17 -9.96 -17.82
N GLU E 123 -35.68 -8.73 -17.93
CA GLU E 123 -34.63 -8.43 -18.89
C GLU E 123 -33.34 -9.19 -18.57
N GLN E 124 -33.04 -9.35 -17.28
CA GLN E 124 -31.85 -10.09 -16.88
C GLN E 124 -32.05 -11.59 -16.97
N LEU E 125 -33.23 -12.07 -16.57
CA LEU E 125 -33.52 -13.50 -16.60
C LEU E 125 -33.44 -14.07 -18.00
N LYS E 126 -33.64 -13.25 -19.03
CA LYS E 126 -33.52 -13.73 -20.41
C LYS E 126 -32.09 -14.13 -20.77
N SER E 127 -31.11 -13.80 -19.92
CA SER E 127 -29.70 -13.98 -20.26
C SER E 127 -28.98 -14.99 -19.37
N GLY E 128 -29.67 -15.68 -18.47
CA GLY E 128 -29.02 -16.73 -17.72
C GLY E 128 -28.72 -16.46 -16.26
N THR E 129 -28.29 -15.24 -15.93
CA THR E 129 -28.04 -14.91 -14.54
C THR E 129 -29.28 -14.29 -13.89
N ALA E 130 -29.32 -14.36 -12.56
CA ALA E 130 -30.44 -13.81 -11.79
C ALA E 130 -29.89 -13.19 -10.51
N SER E 131 -30.23 -11.93 -10.27
CA SER E 131 -29.74 -11.19 -9.12
C SER E 131 -30.90 -10.75 -8.24
N VAL E 132 -30.89 -11.20 -6.99
CA VAL E 132 -31.88 -10.81 -6.00
C VAL E 132 -31.23 -9.79 -5.07
N VAL E 133 -31.78 -8.59 -5.03
CA VAL E 133 -31.18 -7.48 -4.31
C VAL E 133 -32.02 -7.19 -3.07
N CYS E 134 -31.37 -7.15 -1.92
CA CYS E 134 -31.97 -6.75 -0.66
C CYS E 134 -31.38 -5.43 -0.23
N LEU E 135 -32.24 -4.45 0.03
CA LEU E 135 -31.82 -3.10 0.36
C LEU E 135 -32.17 -2.79 1.82
N LEU E 136 -31.15 -2.47 2.61
CA LEU E 136 -31.32 -1.93 3.96
C LEU E 136 -31.06 -0.43 3.87
N ASN E 137 -32.09 0.37 4.13
CA ASN E 137 -32.05 1.79 3.85
C ASN E 137 -32.01 2.60 5.14
N ASN E 138 -31.05 3.52 5.22
CA ASN E 138 -30.98 4.55 6.26
C ASN E 138 -31.00 3.97 7.68
N PHE E 139 -29.88 3.43 8.14
CA PHE E 139 -29.82 2.87 9.48
C PHE E 139 -28.56 3.34 10.20
N TYR E 140 -28.58 3.20 11.52
CA TYR E 140 -27.45 3.47 12.39
C TYR E 140 -27.63 2.62 13.63
N PRO E 141 -26.55 1.98 14.13
CA PRO E 141 -25.20 2.03 13.58
C PRO E 141 -24.99 1.16 12.34
N ARG E 142 -23.75 1.09 11.87
CA ARG E 142 -23.42 0.33 10.66
C ARG E 142 -23.53 -1.17 10.87
N GLU E 143 -23.47 -1.64 12.11
CA GLU E 143 -23.48 -3.07 12.39
C GLU E 143 -24.84 -3.66 12.02
N ALA E 144 -24.86 -4.48 10.98
CA ALA E 144 -26.07 -5.16 10.54
C ALA E 144 -25.71 -6.54 10.03
N LYS E 145 -26.69 -7.42 10.02
CA LYS E 145 -26.50 -8.79 9.57
C LYS E 145 -27.59 -9.11 8.55
N VAL E 146 -27.19 -9.66 7.42
CA VAL E 146 -28.10 -9.99 6.33
C VAL E 146 -27.94 -11.47 6.01
N GLN E 147 -29.05 -12.20 6.05
CA GLN E 147 -29.06 -13.64 5.78
C GLN E 147 -29.99 -13.91 4.60
N TRP E 148 -29.49 -14.62 3.60
CA TRP E 148 -30.32 -15.07 2.49
C TRP E 148 -30.84 -16.47 2.79
N LYS E 149 -32.15 -16.64 2.70
CA LYS E 149 -32.79 -17.95 2.90
C LYS E 149 -33.62 -18.27 1.67
N VAL E 150 -33.20 -19.30 0.94
CA VAL E 150 -33.93 -19.80 -0.22
C VAL E 150 -34.58 -21.11 0.21
N ASP E 151 -35.91 -21.07 0.36
CA ASP E 151 -36.66 -22.21 0.90
C ASP E 151 -36.16 -22.59 2.29
N ASN E 152 -35.93 -21.57 3.12
CA ASN E 152 -35.44 -21.71 4.49
C ASN E 152 -34.04 -22.32 4.56
N ALA E 153 -33.36 -22.47 3.43
CA ALA E 153 -31.98 -22.96 3.39
C ALA E 153 -31.03 -21.77 3.36
N LEU E 154 -30.29 -21.57 4.45
CA LEU E 154 -29.37 -20.45 4.55
C LEU E 154 -28.28 -20.56 3.49
N GLN E 155 -28.10 -19.50 2.72
CA GLN E 155 -27.09 -19.45 1.67
C GLN E 155 -25.72 -19.13 2.25
N SER E 156 -24.68 -19.30 1.44
CA SER E 156 -23.32 -19.11 1.91
C SER E 156 -22.41 -18.81 0.73
N GLY E 157 -21.66 -17.72 0.83
CA GLY E 157 -20.67 -17.39 -0.18
C GLY E 157 -21.20 -17.17 -1.57
N ASN E 158 -22.49 -16.83 -1.69
CA ASN E 158 -23.09 -16.54 -2.98
C ASN E 158 -23.77 -15.16 -2.98
N SER E 159 -23.39 -14.28 -2.05
CA SER E 159 -23.99 -12.96 -1.94
C SER E 159 -22.92 -11.95 -1.58
N GLN E 160 -22.92 -10.81 -2.28
CA GLN E 160 -22.02 -9.71 -2.03
C GLN E 160 -22.81 -8.51 -1.54
N GLU E 161 -22.34 -7.86 -0.48
CA GLU E 161 -23.02 -6.68 0.02
C GLU E 161 -22.13 -5.45 -0.14
N SER E 162 -22.75 -4.28 0.00
CA SER E 162 -22.07 -3.02 -0.22
C SER E 162 -22.72 -1.95 0.63
N VAL E 163 -21.91 -1.14 1.31
CA VAL E 163 -22.38 -0.13 2.24
C VAL E 163 -21.94 1.25 1.75
N THR E 164 -22.84 2.22 1.87
CA THR E 164 -22.48 3.58 1.54
C THR E 164 -21.67 4.20 2.68
N GLU E 165 -20.89 5.23 2.33
CA GLU E 165 -20.27 6.03 3.36
C GLU E 165 -21.34 6.67 4.23
N GLN E 166 -20.98 7.01 5.47
CA GLN E 166 -21.96 7.61 6.36
C GLN E 166 -22.46 8.93 5.80
N ASP E 167 -23.78 9.08 5.75
CA ASP E 167 -24.38 10.28 5.19
C ASP E 167 -23.96 11.51 5.98
N SER E 168 -23.76 12.62 5.28
CA SER E 168 -23.29 13.86 5.89
C SER E 168 -24.42 14.76 6.36
N LYS E 169 -25.67 14.31 6.27
CA LYS E 169 -26.82 15.08 6.74
C LYS E 169 -27.47 14.43 7.96
N ASP E 170 -27.93 13.18 7.83
CA ASP E 170 -28.55 12.48 8.94
C ASP E 170 -27.66 11.41 9.56
N SER E 171 -26.44 11.25 9.04
CA SER E 171 -25.43 10.35 9.62
C SER E 171 -25.89 8.89 9.63
N THR E 172 -26.55 8.46 8.55
CA THR E 172 -27.03 7.09 8.44
C THR E 172 -26.27 6.35 7.34
N TYR E 173 -26.38 5.03 7.39
CA TYR E 173 -25.79 4.13 6.40
C TYR E 173 -26.88 3.45 5.58
N SER E 174 -26.49 2.98 4.40
CA SER E 174 -27.37 2.14 3.60
C SER E 174 -26.58 0.97 3.05
N LEU E 175 -27.20 -0.21 3.02
CA LEU E 175 -26.54 -1.44 2.62
C LEU E 175 -27.38 -2.11 1.53
N SER E 176 -26.71 -2.79 0.61
CA SER E 176 -27.36 -3.55 -0.45
C SER E 176 -26.70 -4.90 -0.57
N SER E 177 -27.46 -5.96 -0.34
CA SER E 177 -26.98 -7.33 -0.43
C SER E 177 -27.56 -7.98 -1.68
N THR E 178 -26.68 -8.39 -2.60
CA THR E 178 -27.07 -8.93 -3.89
C THR E 178 -26.78 -10.43 -3.91
N LEU E 179 -27.83 -11.24 -4.08
CA LEU E 179 -27.72 -12.68 -4.22
C LEU E 179 -27.79 -13.05 -5.69
N THR E 180 -26.71 -13.66 -6.21
CA THR E 180 -26.61 -13.99 -7.61
C THR E 180 -26.71 -15.50 -7.80
N LEU E 181 -27.58 -15.93 -8.71
CA LEU E 181 -27.74 -17.34 -9.07
C LEU E 181 -27.85 -17.45 -10.58
N SER E 182 -27.78 -18.68 -11.07
CA SER E 182 -28.04 -18.94 -12.47
C SER E 182 -29.55 -19.04 -12.70
N LYS E 183 -29.95 -18.87 -13.97
CA LYS E 183 -31.36 -18.99 -14.31
C LYS E 183 -31.89 -20.36 -13.94
N ALA E 184 -31.09 -21.41 -14.12
CA ALA E 184 -31.50 -22.75 -13.75
C ALA E 184 -31.72 -22.86 -12.24
N ASP E 185 -30.69 -22.51 -11.46
CA ASP E 185 -30.78 -22.60 -10.01
C ASP E 185 -31.89 -21.72 -9.44
N TYR E 186 -32.13 -20.56 -10.07
CA TYR E 186 -33.19 -19.68 -9.61
C TYR E 186 -34.56 -20.33 -9.79
N GLU E 187 -34.81 -20.90 -10.97
CA GLU E 187 -36.08 -21.55 -11.27
C GLU E 187 -36.30 -22.84 -10.49
N LYS E 188 -35.31 -23.31 -9.73
CA LYS E 188 -35.47 -24.55 -8.97
C LYS E 188 -36.29 -24.34 -7.70
N HIS E 189 -36.28 -23.13 -7.15
CA HIS E 189 -36.83 -22.86 -5.83
C HIS E 189 -37.95 -21.83 -5.93
N LYS E 190 -38.71 -21.72 -4.84
CA LYS E 190 -39.90 -20.87 -4.80
C LYS E 190 -39.68 -19.63 -3.95
N VAL E 191 -39.51 -19.78 -2.64
CA VAL E 191 -39.49 -18.65 -1.72
C VAL E 191 -38.07 -18.13 -1.57
N TYR E 192 -37.87 -16.85 -1.84
CA TYR E 192 -36.60 -16.16 -1.63
C TYR E 192 -36.80 -15.10 -0.55
N ALA E 193 -35.99 -15.18 0.50
CA ALA E 193 -36.19 -14.36 1.68
C ALA E 193 -34.87 -13.69 2.08
N CYS E 194 -35.01 -12.49 2.64
CA CYS E 194 -33.89 -11.71 3.15
C CYS E 194 -34.18 -11.36 4.60
N GLU E 195 -33.33 -11.82 5.51
CA GLU E 195 -33.54 -11.63 6.95
C GLU E 195 -32.47 -10.68 7.50
N VAL E 196 -32.92 -9.61 8.15
CA VAL E 196 -32.06 -8.54 8.61
C VAL E 196 -32.10 -8.49 10.14
N THR E 197 -30.91 -8.44 10.75
CA THR E 197 -30.78 -8.26 12.19
C THR E 197 -30.02 -6.96 12.45
N HIS E 198 -30.60 -6.10 13.29
CA HIS E 198 -30.02 -4.80 13.57
C HIS E 198 -30.39 -4.38 14.99
N GLN E 199 -29.54 -3.53 15.56
CA GLN E 199 -29.75 -3.06 16.93
C GLN E 199 -31.07 -2.34 17.09
N GLY E 200 -31.51 -1.61 16.06
CA GLY E 200 -32.77 -0.90 16.11
C GLY E 200 -34.00 -1.74 15.83
N LEU E 201 -33.83 -3.04 15.64
CA LEU E 201 -34.94 -3.95 15.38
C LEU E 201 -35.19 -4.80 16.62
N SER E 202 -36.45 -4.88 17.03
CA SER E 202 -36.81 -5.71 18.19
C SER E 202 -36.52 -7.18 17.92
N SER E 203 -36.80 -7.63 16.70
CA SER E 203 -36.60 -9.01 16.30
C SER E 203 -36.27 -9.02 14.82
N PRO E 204 -35.52 -10.02 14.34
CA PRO E 204 -35.13 -10.04 12.93
C PRO E 204 -36.30 -9.90 11.98
N VAL E 205 -36.15 -9.01 10.99
CA VAL E 205 -37.16 -8.71 9.99
C VAL E 205 -36.85 -9.52 8.75
N THR E 206 -37.89 -10.08 8.13
CA THR E 206 -37.75 -10.88 6.92
C THR E 206 -38.62 -10.29 5.83
N LYS E 207 -38.04 -10.13 4.63
CA LYS E 207 -38.77 -9.76 3.43
C LYS E 207 -38.66 -10.89 2.44
N SER E 208 -39.81 -11.42 2.01
CA SER E 208 -39.86 -12.60 1.15
C SER E 208 -40.67 -12.31 -0.11
N PHE E 209 -40.51 -13.19 -1.09
CA PHE E 209 -41.36 -13.22 -2.27
C PHE E 209 -41.35 -14.61 -2.85
N ASN E 210 -42.49 -15.02 -3.41
CA ASN E 210 -42.58 -16.28 -4.14
C ASN E 210 -42.22 -16.05 -5.60
N ARG E 211 -41.51 -17.01 -6.19
CA ARG E 211 -41.12 -16.87 -7.58
C ARG E 211 -42.35 -17.00 -8.48
N GLY E 212 -42.50 -16.03 -9.40
CA GLY E 212 -43.57 -16.08 -10.37
C GLY E 212 -44.84 -15.36 -9.98
N GLU E 213 -44.91 -14.78 -8.79
CA GLU E 213 -46.11 -14.04 -8.38
C GLU E 213 -45.98 -12.56 -8.72
N ASP F 9 21.22 18.42 1.74
CA ASP F 9 21.96 19.11 0.68
C ASP F 9 22.77 20.28 1.23
N ARG F 10 23.12 21.20 0.35
CA ARG F 10 24.07 22.27 0.65
C ARG F 10 23.49 23.28 1.62
N PRO F 11 24.29 23.81 2.54
CA PRO F 11 23.82 24.86 3.45
C PRO F 11 23.71 26.20 2.75
N TRP F 12 22.74 27.01 3.18
CA TRP F 12 22.51 28.31 2.60
C TRP F 12 22.31 29.36 3.69
N ASN F 13 22.50 30.68 3.30
CA ASN F 13 22.48 31.85 4.16
C ASN F 13 21.13 32.56 4.12
N PRO F 14 20.73 33.18 5.23
CA PRO F 14 19.45 33.89 5.27
C PRO F 14 19.45 35.06 4.31
N PRO F 15 18.28 35.60 3.97
CA PRO F 15 18.23 36.72 3.03
C PRO F 15 18.72 38.01 3.65
N THR F 16 19.10 38.95 2.79
CA THR F 16 19.52 40.28 3.20
C THR F 16 18.40 41.26 2.85
N PHE F 17 18.24 42.28 3.70
CA PHE F 17 17.11 43.20 3.58
C PHE F 17 17.62 44.63 3.73
N SER F 18 17.71 45.33 2.60
CA SER F 18 18.11 46.73 2.55
C SER F 18 16.97 47.55 1.93
N PRO F 19 16.92 48.86 2.21
CA PRO F 19 17.78 49.67 3.09
C PRO F 19 17.51 49.44 4.58
N ALA F 20 18.48 49.78 5.43
CA ALA F 20 18.29 49.59 6.87
C ALA F 20 17.25 50.54 7.44
N LEU F 21 17.09 51.72 6.83
CA LEU F 21 16.09 52.68 7.24
C LEU F 21 15.60 53.42 6.00
N LEU F 22 14.30 53.65 5.93
CA LEU F 22 13.69 54.25 4.74
C LEU F 22 12.61 55.21 5.22
N VAL F 23 12.75 56.49 4.88
CA VAL F 23 11.80 57.52 5.28
C VAL F 23 11.17 58.12 4.02
N VAL F 24 9.85 58.19 4.01
CA VAL F 24 9.07 58.62 2.84
C VAL F 24 7.85 59.38 3.32
N THR F 25 7.54 60.48 2.65
CA THR F 25 6.32 61.21 2.95
C THR F 25 5.09 60.43 2.49
N GLU F 26 3.98 60.62 3.20
CA GLU F 26 2.75 59.89 2.92
C GLU F 26 2.33 60.07 1.47
N GLY F 27 1.93 58.95 0.84
CA GLY F 27 1.46 58.93 -0.54
C GLY F 27 2.43 58.30 -1.52
N ASP F 28 3.73 58.39 -1.24
CA ASP F 28 4.71 57.84 -2.15
C ASP F 28 4.85 56.32 -1.96
N ASN F 29 5.39 55.66 -2.98
CA ASN F 29 5.73 54.25 -2.86
C ASN F 29 7.07 54.10 -2.15
N ALA F 30 7.18 53.06 -1.33
CA ALA F 30 8.40 52.75 -0.60
C ALA F 30 8.79 51.31 -0.90
N THR F 31 10.06 51.07 -1.19
CA THR F 31 10.49 49.77 -1.69
C THR F 31 11.75 49.29 -0.99
N PHE F 32 11.69 48.10 -0.43
CA PHE F 32 12.85 47.39 0.10
C PHE F 32 13.34 46.36 -0.92
N THR F 33 14.57 45.91 -0.73
CA THR F 33 15.15 44.85 -1.56
C THR F 33 15.58 43.69 -0.69
N CYS F 34 14.94 42.54 -0.88
CA CYS F 34 15.28 41.30 -0.19
C CYS F 34 16.03 40.41 -1.17
N SER F 35 17.29 40.12 -0.85
CA SER F 35 18.16 39.32 -1.71
C SER F 35 18.36 37.96 -1.08
N PHE F 36 18.21 36.90 -1.89
CA PHE F 36 18.25 35.54 -1.39
C PHE F 36 18.98 34.62 -2.36
N SER F 37 19.98 33.88 -1.85
CA SER F 37 20.79 32.98 -2.66
C SER F 37 20.26 31.56 -2.49
N ASN F 38 19.28 31.20 -3.32
CA ASN F 38 18.60 29.92 -3.18
C ASN F 38 19.46 28.76 -3.67
N THR F 39 19.31 27.61 -3.00
CA THR F 39 19.97 26.38 -3.38
C THR F 39 19.09 25.46 -4.22
N SER F 40 17.77 25.66 -4.20
CA SER F 40 16.85 24.95 -5.09
C SER F 40 15.85 25.91 -5.69
N GLU F 41 14.84 25.39 -6.39
CA GLU F 41 13.79 26.22 -6.97
C GLU F 41 12.49 26.15 -6.20
N SER F 42 12.41 25.34 -5.14
CA SER F 42 11.21 25.23 -4.31
C SER F 42 11.41 26.09 -3.06
N PHE F 43 10.99 27.35 -3.14
CA PHE F 43 11.09 28.25 -2.00
C PHE F 43 10.13 29.41 -2.18
N VAL F 44 9.80 30.06 -1.06
CA VAL F 44 9.00 31.28 -1.07
C VAL F 44 9.68 32.32 -0.18
N LEU F 45 9.43 33.59 -0.48
CA LEU F 45 9.89 34.70 0.33
C LEU F 45 8.67 35.40 0.89
N ASN F 46 8.60 35.51 2.21
CA ASN F 46 7.51 36.22 2.88
C ASN F 46 8.01 37.56 3.38
N TRP F 47 7.14 38.55 3.33
CA TRP F 47 7.47 39.90 3.75
C TRP F 47 6.68 40.19 5.03
N TYR F 48 7.36 40.14 6.16
CA TYR F 48 6.73 40.30 7.46
C TYR F 48 6.90 41.73 7.97
N ARG F 49 5.91 42.17 8.73
CA ARG F 49 6.01 43.41 9.49
C ARG F 49 5.93 43.10 10.97
N MET F 50 6.81 43.70 11.75
CA MET F 50 6.80 43.48 13.19
C MET F 50 5.90 44.53 13.85
N SER F 51 5.38 44.15 15.00
CA SER F 51 4.73 45.08 15.90
C SER F 51 5.55 45.20 17.17
N PRO F 52 5.49 46.34 17.87
CA PRO F 52 6.31 46.50 19.09
C PRO F 52 6.08 45.39 20.10
N SER F 53 4.97 44.65 19.98
CA SER F 53 4.66 43.53 20.85
C SER F 53 5.20 42.21 20.33
N ASN F 54 6.30 42.25 19.56
CA ASN F 54 6.96 41.05 19.03
C ASN F 54 6.02 40.15 18.23
N GLN F 55 4.98 40.72 17.61
CA GLN F 55 4.03 39.92 16.85
C GLN F 55 4.31 40.06 15.36
N THR F 56 4.37 38.91 14.67
CA THR F 56 4.69 38.86 13.25
C THR F 56 3.41 38.89 12.42
N ASP F 57 3.42 39.70 11.36
CA ASP F 57 2.28 39.84 10.47
C ASP F 57 2.77 39.74 9.03
N LYS F 58 2.31 38.72 8.32
CA LYS F 58 2.68 38.53 6.93
C LYS F 58 1.93 39.53 6.07
N LEU F 59 2.68 40.28 5.23
CA LEU F 59 2.08 41.26 4.34
C LEU F 59 1.90 40.78 2.92
N ALA F 60 2.88 40.06 2.37
CA ALA F 60 2.85 39.55 1.01
C ALA F 60 3.95 38.51 0.88
N ALA F 61 4.00 37.86 -0.28
CA ALA F 61 4.98 36.81 -0.50
C ALA F 61 5.20 36.63 -2.00
N PHE F 62 6.38 36.13 -2.35
CA PHE F 62 6.64 35.69 -3.70
C PHE F 62 7.11 34.25 -3.70
N PRO F 63 6.50 33.35 -4.49
CA PRO F 63 5.35 33.70 -5.33
C PRO F 63 4.08 34.00 -4.53
N GLU F 64 3.16 34.74 -5.15
CA GLU F 64 1.98 35.25 -4.46
C GLU F 64 1.24 34.14 -3.72
N ASP F 65 0.70 34.49 -2.56
CA ASP F 65 -0.18 33.58 -1.82
C ASP F 65 -1.52 33.49 -2.53
N ARG F 66 -1.88 32.28 -2.98
CA ARG F 66 -3.11 32.11 -3.73
C ARG F 66 -4.32 31.92 -2.84
N SER F 67 -4.10 31.61 -1.56
CA SER F 67 -5.19 31.52 -0.58
C SER F 67 -5.32 32.86 0.16
N GLN F 68 -5.61 33.91 -0.60
CA GLN F 68 -5.69 35.26 -0.05
C GLN F 68 -7.14 35.72 0.01
N PRO F 69 -7.80 35.61 1.16
CA PRO F 69 -9.20 36.04 1.25
C PRO F 69 -9.33 37.56 1.39
N GLY F 70 -8.37 38.16 2.09
CA GLY F 70 -8.42 39.57 2.36
C GLY F 70 -7.05 40.18 2.61
N GLN F 71 -6.15 40.07 1.65
CA GLN F 71 -4.81 40.62 1.82
C GLN F 71 -4.74 42.01 1.18
N ASP F 72 -3.81 42.83 1.70
CA ASP F 72 -3.67 44.22 1.28
C ASP F 72 -2.97 44.28 -0.07
N CYS F 73 -3.69 44.71 -1.11
CA CYS F 73 -3.09 44.85 -2.43
C CYS F 73 -2.08 46.00 -2.49
N ARG F 74 -1.86 46.72 -1.39
CA ARG F 74 -0.85 47.76 -1.33
C ARG F 74 0.55 47.22 -1.10
N PHE F 75 0.68 46.00 -0.57
CA PHE F 75 1.97 45.38 -0.31
C PHE F 75 2.22 44.35 -1.41
N ARG F 76 3.15 44.67 -2.32
CA ARG F 76 3.46 43.83 -3.47
C ARG F 76 4.91 43.39 -3.41
N VAL F 77 5.17 42.22 -4.00
CA VAL F 77 6.51 41.66 -4.06
C VAL F 77 6.79 41.26 -5.51
N THR F 78 7.77 41.91 -6.12
CA THR F 78 8.17 41.65 -7.50
C THR F 78 9.51 40.93 -7.51
N GLN F 79 9.67 40.02 -8.47
CA GLN F 79 10.90 39.24 -8.62
C GLN F 79 11.76 39.86 -9.71
N LEU F 80 12.91 40.41 -9.32
CA LEU F 80 13.86 40.91 -10.30
C LEU F 80 14.43 39.74 -11.10
N PRO F 81 14.75 39.96 -12.39
CA PRO F 81 15.12 38.83 -13.25
C PRO F 81 16.59 38.40 -13.14
N ASN F 82 17.29 38.84 -12.09
CA ASN F 82 18.68 38.44 -11.92
C ASN F 82 18.85 37.10 -11.22
N GLY F 83 17.80 36.57 -10.59
CA GLY F 83 17.90 35.27 -9.97
C GLY F 83 18.16 35.27 -8.48
N ARG F 84 18.13 36.43 -7.81
CA ARG F 84 18.31 36.44 -6.36
C ARG F 84 17.62 37.61 -5.67
N ASP F 85 17.32 38.68 -6.41
CA ASP F 85 16.80 39.91 -5.81
C ASP F 85 15.29 40.00 -5.95
N PHE F 86 14.66 40.66 -4.97
CA PHE F 86 13.22 40.83 -4.90
C PHE F 86 12.90 42.23 -4.39
N HIS F 87 11.82 42.82 -4.90
CA HIS F 87 11.39 44.16 -4.51
C HIS F 87 10.12 44.08 -3.68
N MET F 88 10.20 44.48 -2.42
CA MET F 88 9.04 44.61 -1.54
C MET F 88 8.65 46.08 -1.46
N SER F 89 7.50 46.42 -2.03
CA SER F 89 7.09 47.81 -2.18
C SER F 89 5.73 48.05 -1.54
N VAL F 90 5.61 49.17 -0.82
CA VAL F 90 4.34 49.68 -0.30
C VAL F 90 3.87 50.79 -1.23
N VAL F 91 2.75 50.60 -1.87
CA VAL F 91 2.21 51.62 -2.76
C VAL F 91 1.30 52.55 -1.97
N ARG F 92 1.41 53.85 -2.23
CA ARG F 92 0.63 54.87 -1.52
C ARG F 92 0.71 54.67 -0.01
N ALA F 93 1.92 54.88 0.52
CA ALA F 93 2.18 54.58 1.92
C ALA F 93 1.38 55.51 2.83
N ARG F 94 0.67 54.93 3.79
CA ARG F 94 -0.03 55.70 4.80
C ARG F 94 0.88 55.95 5.99
N ARG F 95 0.40 56.79 6.91
CA ARG F 95 1.17 57.13 8.11
C ARG F 95 1.44 55.90 8.98
N ASN F 96 0.39 55.11 9.24
CA ASN F 96 0.49 53.92 10.10
C ASN F 96 1.23 52.76 9.47
N ASP F 97 1.73 52.90 8.24
CA ASP F 97 2.59 51.86 7.67
C ASP F 97 3.98 51.87 8.26
N SER F 98 4.34 52.89 9.03
CA SER F 98 5.67 52.95 9.62
C SER F 98 5.86 51.87 10.67
N GLY F 99 7.07 51.35 10.75
CA GLY F 99 7.39 50.31 11.71
C GLY F 99 8.59 49.51 11.25
N THR F 100 8.76 48.35 11.87
CA THR F 100 9.85 47.45 11.56
C THR F 100 9.39 46.39 10.57
N TYR F 101 10.22 46.14 9.57
CA TYR F 101 9.92 45.20 8.50
C TYR F 101 11.08 44.24 8.31
N LEU F 102 10.78 43.08 7.74
CA LEU F 102 11.79 42.09 7.43
C LEU F 102 11.24 41.14 6.38
N CYS F 103 12.14 40.36 5.79
CA CYS F 103 11.74 39.30 4.88
C CYS F 103 12.24 37.97 5.42
N GLY F 104 11.65 36.89 4.94
CA GLY F 104 12.01 35.57 5.40
C GLY F 104 11.90 34.56 4.28
N ALA F 105 12.94 33.74 4.12
CA ALA F 105 12.97 32.72 3.10
C ALA F 105 12.47 31.41 3.67
N ILE F 106 11.56 30.77 2.97
CA ILE F 106 11.07 29.44 3.34
C ILE F 106 11.41 28.53 2.17
N SER F 107 12.44 27.71 2.33
CA SER F 107 12.74 26.70 1.33
C SER F 107 11.85 25.49 1.57
N LEU F 108 11.43 24.85 0.47
CA LEU F 108 10.57 23.68 0.55
C LEU F 108 11.24 22.41 0.08
N ALA F 109 12.45 22.51 -0.48
CA ALA F 109 13.25 21.38 -0.91
C ALA F 109 14.70 21.82 -0.90
N PRO F 110 15.63 20.95 -0.47
CA PRO F 110 15.42 19.57 -0.04
C PRO F 110 14.87 19.45 1.38
N LYS F 111 14.99 20.50 2.20
CA LYS F 111 14.46 20.49 3.56
C LYS F 111 13.65 21.75 3.82
N ALA F 112 12.43 21.58 4.32
CA ALA F 112 11.58 22.70 4.65
C ALA F 112 12.16 23.44 5.86
N GLN F 113 12.48 24.72 5.66
CA GLN F 113 13.16 25.50 6.68
C GLN F 113 12.97 26.98 6.39
N ILE F 114 12.72 27.76 7.43
CA ILE F 114 12.53 29.21 7.33
C ILE F 114 13.70 29.91 7.99
N LYS F 115 14.27 30.89 7.27
CA LYS F 115 15.31 31.76 7.81
C LYS F 115 14.92 33.21 7.59
N GLU F 116 15.03 34.03 8.63
CA GLU F 116 14.61 35.42 8.57
C GLU F 116 15.79 36.33 8.26
N SER F 117 15.50 37.44 7.59
CA SER F 117 16.49 38.47 7.35
C SER F 117 16.61 39.37 8.57
N LEU F 118 17.68 40.17 8.58
CA LEU F 118 17.80 41.21 9.59
C LEU F 118 16.70 42.25 9.40
N ARG F 119 16.38 42.93 10.49
CA ARG F 119 15.22 43.82 10.46
C ARG F 119 15.59 45.17 9.87
N ALA F 120 14.57 45.86 9.36
CA ALA F 120 14.71 47.21 8.82
C ALA F 120 13.51 48.03 9.26
N GLU F 121 13.61 49.35 9.11
CA GLU F 121 12.59 50.26 9.59
C GLU F 121 12.03 51.08 8.44
N LEU F 122 10.79 51.55 8.62
CA LEU F 122 10.14 52.46 7.69
C LEU F 122 9.49 53.57 8.48
N ARG F 123 9.67 54.81 8.04
CA ARG F 123 9.06 55.98 8.68
C ARG F 123 8.30 56.75 7.61
N VAL F 124 6.97 56.73 7.70
CA VAL F 124 6.14 57.54 6.82
C VAL F 124 5.79 58.84 7.53
N THR F 125 6.09 59.96 6.88
CA THR F 125 5.89 61.29 7.44
C THR F 125 4.74 61.98 6.71
N GLU F 126 4.48 63.22 7.08
CA GLU F 126 3.38 63.97 6.47
C GLU F 126 3.87 64.84 5.31
C1 NAG G . -12.31 -28.90 19.91
C2 NAG G . -13.14 -28.86 18.64
C3 NAG G . -13.32 -30.26 18.06
C4 NAG G . -11.98 -30.96 17.90
C5 NAG G . -11.20 -30.92 19.21
C6 NAG G . -9.79 -31.47 19.08
C7 NAG G . -14.80 -27.05 18.40
C8 NAG G . -16.18 -26.59 18.78
N2 NAG G . -14.43 -28.25 18.90
O3 NAG G . -13.96 -30.17 16.79
O4 NAG G . -12.10 -32.24 17.43
O5 NAG G . -11.06 -29.57 19.65
O6 NAG G . -9.13 -30.91 18.03
O7 NAG G . -14.06 -26.40 17.68
C1 NAG G . -11.76 -32.72 16.18
C2 NAG G . -11.48 -34.21 16.26
C3 NAG G . -11.12 -34.75 14.87
C4 NAG G . -12.21 -34.39 13.88
C5 NAG G . -12.49 -32.89 13.92
C6 NAG G . -13.66 -32.48 13.05
C7 NAG G . -10.64 -34.86 18.47
C8 NAG G . -9.42 -35.10 19.32
N2 NAG G . -10.41 -34.49 17.21
O3 NAG G . -10.98 -36.17 14.94
O4 NAG G . -11.64 -34.59 12.64
O5 NAG G . -12.81 -32.48 15.25
O6 NAG G . -14.88 -32.65 13.75
O7 NAG G . -11.78 -34.99 18.91
C1 BMA G . -12.15 -35.63 11.85
C2 BMA G . -12.02 -35.16 10.39
C3 BMA G . -12.28 -36.33 9.43
C4 BMA G . -11.48 -37.59 9.84
C5 BMA G . -11.72 -37.93 11.32
C6 BMA G . -10.92 -39.13 11.83
O2 BMA G . -10.70 -34.70 10.15
O3 BMA G . -12.38 -36.05 8.08
O4 BMA G . -11.87 -38.69 9.03
O5 BMA G . -11.37 -36.77 12.11
O6 BMA G . -10.02 -38.71 12.86
C1 MAN G . -13.53 -35.91 7.27
C2 MAN G . -13.15 -36.45 5.85
C3 MAN G . -12.33 -35.40 5.10
C4 MAN G . -13.02 -34.03 5.12
C5 MAN G . -13.22 -33.61 6.58
C6 MAN G . -13.91 -32.25 6.72
O2 MAN G . -14.32 -36.68 5.04
O3 MAN G . -12.07 -35.80 3.75
O4 MAN G . -12.23 -33.07 4.44
O5 MAN G . -14.05 -34.60 7.25
O6 MAN G . -13.96 -31.92 8.11
C1 FUC G . -7.89 -31.51 17.67
C2 FUC G . -7.57 -31.06 16.22
C3 FUC G . -7.28 -29.57 16.18
C4 FUC G . -6.16 -29.22 17.18
C5 FUC G . -6.51 -29.76 18.57
C6 FUC G . -5.36 -29.64 19.55
O2 FUC G . -8.57 -31.42 15.27
O3 FUC G . -6.82 -29.20 14.89
O4 FUC G . -4.96 -29.82 16.74
O5 FUC G . -6.85 -31.16 18.53
C1 NAG H . 17.13 30.06 -7.70
C2 NAG H . 17.45 28.90 -8.64
C3 NAG H . 17.33 29.35 -10.10
C4 NAG H . 15.96 29.98 -10.35
C5 NAG H . 15.70 31.09 -9.34
C6 NAG H . 14.31 31.67 -9.44
C7 NAG H . 19.02 27.13 -8.01
C8 NAG H . 20.46 26.78 -7.76
N2 NAG H . 18.78 28.39 -8.37
O3 NAG H . 17.50 28.22 -10.96
O4 NAG H . 15.90 30.63 -11.56
O5 NAG H . 15.83 30.57 -8.00
O6 NAG H . 13.37 30.70 -9.71
O7 NAG H . 18.12 26.30 -7.88
C1 NAG H . 14.99 30.24 -12.53
C2 NAG H . 14.76 31.41 -13.49
C3 NAG H . 13.84 31.00 -14.63
C4 NAG H . 14.37 29.74 -15.31
C5 NAG H . 14.61 28.65 -14.27
C6 NAG H . 15.26 27.41 -14.85
C7 NAG H . 14.93 33.68 -12.54
C8 NAG H . 14.21 34.77 -11.81
N2 NAG H . 14.23 32.57 -12.78
O3 NAG H . 13.75 32.06 -15.58
O4 NAG H . 13.31 29.35 -16.09
O5 NAG H . 15.50 29.13 -13.26
O6 NAG H . 16.60 27.28 -14.40
O7 NAG H . 16.09 33.80 -12.91
C1 BMA H . 13.41 29.29 -17.48
C2 BMA H . 13.00 27.87 -17.90
C3 BMA H . 12.88 27.80 -19.42
C4 BMA H . 12.05 28.97 -20.00
C5 BMA H . 12.52 30.34 -19.42
C6 BMA H . 11.62 31.50 -19.83
O2 BMA H . 11.73 27.51 -17.36
O3 BMA H . 12.47 26.50 -19.24
O4 BMA H . 12.17 28.99 -21.41
O5 BMA H . 12.52 30.27 -17.99
O6 BMA H . 11.78 32.56 -18.89
C1 MAN H . 12.67 25.14 -19.61
C2 MAN H . 13.33 25.18 -21.02
C3 MAN H . 12.78 24.10 -21.98
C4 MAN H . 11.23 23.91 -21.93
C5 MAN H . 10.59 24.57 -20.68
C6 MAN H . 9.24 23.96 -20.33
O2 MAN H . 14.74 24.93 -20.94
O3 MAN H . 13.46 22.85 -21.83
O4 MAN H . 10.63 24.43 -23.12
O5 MAN H . 11.47 24.39 -19.56
O6 MAN H . 8.90 24.34 -18.99
C1 FUC H . 12.04 31.19 -9.79
C2 FUC H . 11.14 29.99 -10.19
C3 FUC H . 10.89 29.08 -8.99
C4 FUC H . 10.28 29.91 -7.88
C5 FUC H . 11.28 30.98 -7.48
C6 FUC H . 10.74 31.90 -6.39
O2 FUC H . 11.66 29.25 -11.29
O3 FUC H . 9.94 28.09 -9.35
O4 FUC H . 9.10 30.53 -8.36
O5 FUC H . 11.62 31.84 -8.61
C1 NAG I . 4.72 -45.30 33.30
C2 NAG I . 4.24 -46.74 33.41
C3 NAG I . 5.00 -47.64 32.44
C4 NAG I . 4.90 -47.09 31.03
C5 NAG I . 5.38 -45.64 31.00
C6 NAG I . 5.22 -44.99 29.64
C7 NAG I . 3.36 -47.46 35.60
C8 NAG I . 3.70 -47.96 36.98
N2 NAG I . 4.39 -47.24 34.78
O3 NAG I . 4.48 -48.96 32.48
O4 NAG I . 5.67 -47.88 30.12
O5 NAG I . 4.62 -44.86 31.93
O6 NAG I . 3.87 -44.70 29.34
O7 NAG I . 2.20 -47.25 35.25
C1 NAG J . 16.46 -33.94 39.50
C2 NAG J . 17.19 -33.00 38.53
C3 NAG J . 17.90 -33.80 37.44
C4 NAG J . 18.78 -34.88 38.03
C5 NAG J . 17.94 -35.75 38.96
C6 NAG J . 18.74 -36.85 39.63
C7 NAG J . 16.17 -30.78 38.35
C8 NAG J . 15.15 -29.94 37.63
N2 NAG J . 16.26 -32.05 37.95
O3 NAG J . 18.67 -32.92 36.62
O4 NAG J . 19.35 -35.68 36.99
O5 NAG J . 17.38 -34.95 40.00
O6 NAG J . 17.94 -37.99 39.88
O7 NAG J . 16.87 -30.31 39.25
C1 NAG K . 3.31 53.12 -7.09
C2 NAG K . 3.54 54.07 -8.27
C3 NAG K . 2.38 53.99 -9.26
C4 NAG K . 2.16 52.54 -9.70
C5 NAG K . 1.96 51.66 -8.48
C6 NAG K . 1.82 50.19 -8.81
C7 NAG K . 4.92 56.02 -7.67
C8 NAG K . 4.90 57.44 -7.18
N2 NAG K . 3.72 55.44 -7.80
O3 NAG K . 2.65 54.80 -10.39
O4 NAG K . 1.04 52.46 -10.57
O5 NAG K . 3.07 51.78 -7.59
O6 NAG K . 3.07 49.59 -9.10
O7 NAG K . 5.96 55.44 -7.92
C1 NAG L . -4.20 53.14 8.67
C2 NAG L . -5.28 52.08 8.94
C3 NAG L . -6.44 52.23 7.95
C4 NAG L . -6.96 53.67 7.92
C5 NAG L . -5.82 54.62 7.64
C6 NAG L . -6.23 56.07 7.67
C7 NAG L . -4.07 50.15 9.86
C8 NAG L . -3.58 48.75 9.60
N2 NAG L . -4.73 50.73 8.87
O3 NAG L . -7.49 51.33 8.31
O4 NAG L . -7.95 53.81 6.91
O5 NAG L . -4.80 54.46 8.63
O6 NAG L . -6.09 56.68 6.40
O7 NAG L . -3.86 50.70 10.93
#